data_5JC8
#
_entry.id   5JC8
#
_cell.length_a   71.180
_cell.length_b   81.080
_cell.length_c   86.370
_cell.angle_alpha   90.000
_cell.angle_beta   94.530
_cell.angle_gamma   90.000
#
_symmetry.space_group_name_H-M   'P 1 21 1'
#
loop_
_entity.id
_entity.type
_entity.pdbx_description
1 polymer 'Putative short-chain dehydrogenase/reductase'
2 non-polymer 2-[BIS-(2-HYDROXY-ETHYL)-AMINO]-2-HYDROXYMETHYL-PROPANE-1,3-DIOL
3 non-polymer 1,2-ETHANEDIOL
4 non-polymer 'MAGNESIUM ION'
5 water water
#
_entity_poly.entity_id   1
_entity_poly.type   'polypeptide(L)'
_entity_poly.pdbx_seq_one_letter_code
;MAHHHHHHMSSAGRLQGKVALVTGAGCIGPGWGNGRAIAVRFAEEGAHVIAVDRDLASMDATLELVRAAGGSVTPCLCDV
TDSASVERLVADSVARCGRVDILVNNVGAPSPGGPVALDEAQWAMQLELNLTTAFLMCKYVLPVMEQQGGGAIVNIASTS
GIRWTGAAQVGYAAAKAGMIQMGRVVAVEYAAKNVRVNSVVPGLLHTPMVDTKIAHNQAGGDVELLLRKRQARIPMPFMG
DGRDTANAALFLASDEARFVTGTEIVVDGGMSARCD
;
_entity_poly.pdbx_strand_id   A,B,C,D
#
# COMPACT_ATOMS: atom_id res chain seq x y z
N ALA A 12 1.32 -36.07 -12.48
CA ALA A 12 1.84 -35.32 -11.34
C ALA A 12 1.10 -34.00 -11.09
N GLY A 13 0.48 -33.91 -9.92
CA GLY A 13 -0.19 -32.69 -9.53
C GLY A 13 0.79 -31.59 -9.16
N ARG A 14 0.23 -30.40 -9.00
CA ARG A 14 1.06 -29.23 -8.74
C ARG A 14 1.70 -29.24 -7.35
N LEU A 15 1.24 -30.13 -6.45
CA LEU A 15 1.82 -30.31 -5.13
C LEU A 15 2.24 -31.75 -4.91
N GLN A 16 2.60 -32.45 -5.98
CA GLN A 16 2.81 -33.90 -5.90
C GLN A 16 3.86 -34.23 -4.85
N GLY A 17 3.51 -35.14 -3.95
CA GLY A 17 4.42 -35.60 -2.92
C GLY A 17 4.62 -34.67 -1.75
N LYS A 18 3.96 -33.52 -1.71
CA LYS A 18 4.13 -32.61 -0.60
C LYS A 18 3.18 -32.99 0.54
N VAL A 19 3.60 -32.68 1.76
CA VAL A 19 2.78 -32.81 2.96
C VAL A 19 2.35 -31.40 3.36
N ALA A 20 1.03 -31.18 3.46
CA ALA A 20 0.47 -29.86 3.73
C ALA A 20 -0.38 -29.91 4.98
N LEU A 21 -0.03 -29.09 5.97
CA LEU A 21 -0.78 -28.99 7.22
C LEU A 21 -1.69 -27.77 7.11
N VAL A 22 -3.00 -27.97 7.23
CA VAL A 22 -3.99 -26.90 7.01
C VAL A 22 -4.84 -26.77 8.28
N THR A 23 -4.77 -25.60 8.94
CA THR A 23 -5.61 -25.39 10.11
C THR A 23 -6.99 -24.85 9.70
N GLY A 24 -7.95 -24.98 10.62
CA GLY A 24 -9.32 -24.57 10.31
C GLY A 24 -9.90 -25.29 9.11
N ALA A 25 -9.67 -26.60 9.01
CA ALA A 25 -10.05 -27.34 7.82
C ALA A 25 -11.50 -27.79 7.82
N GLY A 26 -12.21 -27.68 8.95
CA GLY A 26 -13.62 -27.98 9.00
C GLY A 26 -14.50 -26.75 8.80
N CYS A 27 -15.81 -27.00 8.71
CA CYS A 27 -16.80 -25.93 8.63
C CYS A 27 -18.04 -26.30 9.42
N ILE A 28 -18.83 -25.27 9.74
CA ILE A 28 -20.05 -25.50 10.52
C ILE A 28 -21.16 -26.13 9.70
N GLY A 29 -21.05 -26.12 8.38
CA GLY A 29 -22.07 -26.66 7.53
C GLY A 29 -21.50 -26.96 6.17
N PRO A 30 -22.36 -27.41 5.26
CA PRO A 30 -21.90 -27.71 3.92
C PRO A 30 -21.51 -26.42 3.22
N GLY A 31 -20.62 -26.55 2.26
CA GLY A 31 -20.18 -25.41 1.49
C GLY A 31 -18.68 -25.21 1.56
N TRP A 32 -18.22 -24.28 0.72
CA TRP A 32 -16.79 -24.11 0.48
C TRP A 32 -16.19 -23.06 1.42
N GLY A 33 -15.95 -23.47 2.66
CA GLY A 33 -15.10 -22.68 3.53
C GLY A 33 -13.68 -22.63 3.01
N ASN A 34 -12.91 -21.65 3.49
CA ASN A 34 -11.53 -21.51 3.02
C ASN A 34 -10.70 -22.74 3.33
N GLY A 35 -10.71 -23.19 4.59
CA GLY A 35 -9.87 -24.32 4.97
C GLY A 35 -10.28 -25.60 4.26
N ARG A 36 -11.59 -25.85 4.18
CA ARG A 36 -12.09 -27.04 3.49
C ARG A 36 -11.69 -27.01 2.02
N ALA A 37 -11.86 -25.86 1.37
CA ALA A 37 -11.53 -25.76 -0.04
C ALA A 37 -10.04 -25.94 -0.26
N ILE A 38 -9.22 -25.40 0.64
CA ILE A 38 -7.78 -25.58 0.56
C ILE A 38 -7.42 -27.06 0.68
N ALA A 39 -7.99 -27.74 1.67
CA ALA A 39 -7.72 -29.17 1.83
C ALA A 39 -8.07 -29.95 0.56
N VAL A 40 -9.25 -29.69 0.00
CA VAL A 40 -9.68 -30.42 -1.19
C VAL A 40 -8.78 -30.11 -2.38
N ARG A 41 -8.52 -28.82 -2.63
CA ARG A 41 -7.74 -28.43 -3.79
C ARG A 41 -6.30 -28.94 -3.67
N PHE A 42 -5.72 -28.85 -2.47
CA PHE A 42 -4.35 -29.30 -2.30
C PHE A 42 -4.25 -30.81 -2.48
N ALA A 43 -5.23 -31.55 -1.97
CA ALA A 43 -5.22 -33.00 -2.14
C ALA A 43 -5.42 -33.39 -3.61
N GLU A 44 -6.24 -32.63 -4.34
CA GLU A 44 -6.43 -32.87 -5.77
C GLU A 44 -5.13 -32.73 -6.53
N GLU A 45 -4.23 -31.89 -6.04
CA GLU A 45 -2.94 -31.64 -6.66
C GLU A 45 -1.84 -32.51 -6.07
N GLY A 46 -2.20 -33.56 -5.34
CA GLY A 46 -1.26 -34.58 -4.96
C GLY A 46 -0.62 -34.41 -3.60
N ALA A 47 -1.01 -33.39 -2.84
CA ALA A 47 -0.48 -33.25 -1.49
C ALA A 47 -1.17 -34.23 -0.56
N HIS A 48 -0.42 -34.75 0.40
CA HIS A 48 -1.05 -35.39 1.54
C HIS A 48 -1.40 -34.29 2.52
N VAL A 49 -2.68 -34.18 2.86
CA VAL A 49 -3.17 -33.09 3.69
C VAL A 49 -3.33 -33.58 5.12
N ILE A 50 -2.74 -32.84 6.06
CA ILE A 50 -3.00 -33.00 7.48
C ILE A 50 -4.03 -31.93 7.81
N ALA A 51 -5.29 -32.35 7.97
CA ALA A 51 -6.42 -31.44 8.14
C ALA A 51 -6.69 -31.27 9.63
N VAL A 52 -6.58 -30.04 10.11
CA VAL A 52 -6.64 -29.75 11.55
C VAL A 52 -7.87 -28.90 11.86
N ASP A 53 -8.56 -29.25 12.93
CA ASP A 53 -9.65 -28.41 13.44
C ASP A 53 -9.86 -28.75 14.92
N ARG A 54 -10.77 -28.02 15.56
CA ARG A 54 -11.09 -28.26 16.97
CA ARG A 54 -11.07 -28.28 16.97
C ARG A 54 -11.90 -29.53 17.19
N ASP A 55 -12.75 -29.91 16.23
CA ASP A 55 -13.61 -31.07 16.37
C ASP A 55 -13.72 -31.80 15.05
N LEU A 56 -13.88 -33.12 15.14
CA LEU A 56 -13.92 -33.98 13.96
C LEU A 56 -15.15 -33.72 13.12
N ALA A 57 -16.30 -33.49 13.77
CA ALA A 57 -17.54 -33.42 13.00
C ALA A 57 -17.49 -32.32 11.95
N SER A 58 -16.84 -31.19 12.27
CA SER A 58 -16.75 -30.11 11.29
C SER A 58 -15.89 -30.50 10.09
N MET A 59 -15.04 -31.52 10.24
CA MET A 59 -14.20 -31.97 9.15
C MET A 59 -14.76 -33.17 8.40
N ASP A 60 -15.85 -33.78 8.86
CA ASP A 60 -16.37 -34.96 8.18
C ASP A 60 -16.60 -34.68 6.70
N ALA A 61 -17.23 -33.55 6.38
CA ALA A 61 -17.50 -33.21 4.98
C ALA A 61 -16.21 -32.92 4.22
N THR A 62 -15.24 -32.29 4.88
CA THR A 62 -13.94 -32.07 4.24
C THR A 62 -13.29 -33.38 3.83
N LEU A 63 -13.29 -34.36 4.76
CA LEU A 63 -12.70 -35.66 4.45
C LEU A 63 -13.44 -36.34 3.32
N GLU A 64 -14.77 -36.27 3.35
CA GLU A 64 -15.58 -36.92 2.32
CA GLU A 64 -15.59 -36.91 2.31
C GLU A 64 -15.25 -36.34 0.94
N LEU A 65 -15.13 -35.02 0.85
CA LEU A 65 -14.84 -34.40 -0.44
C LEU A 65 -13.43 -34.71 -0.91
N VAL A 66 -12.45 -34.68 0.00
CA VAL A 66 -11.08 -35.02 -0.39
C VAL A 66 -11.05 -36.43 -0.94
N ARG A 67 -11.69 -37.36 -0.23
CA ARG A 67 -11.56 -38.75 -0.61
C ARG A 67 -12.36 -39.08 -1.86
N ALA A 68 -13.50 -38.40 -2.07
CA ALA A 68 -14.26 -38.59 -3.31
C ALA A 68 -13.47 -38.12 -4.52
N ALA A 69 -12.55 -37.17 -4.31
CA ALA A 69 -11.68 -36.66 -5.37
C ALA A 69 -10.40 -37.47 -5.50
N GLY A 70 -10.28 -38.56 -4.76
CA GLY A 70 -9.11 -39.43 -4.81
C GLY A 70 -7.92 -38.95 -4.01
N GLY A 71 -8.12 -38.01 -3.11
CA GLY A 71 -7.00 -37.47 -2.36
C GLY A 71 -6.72 -38.18 -1.04
N SER A 72 -5.62 -37.76 -0.44
CA SER A 72 -5.08 -38.33 0.78
C SER A 72 -5.15 -37.28 1.88
N VAL A 73 -5.82 -37.60 2.99
CA VAL A 73 -6.00 -36.65 4.09
C VAL A 73 -6.07 -37.41 5.41
N THR A 74 -5.49 -36.80 6.46
CA THR A 74 -5.52 -37.34 7.82
C THR A 74 -6.10 -36.25 8.71
N PRO A 75 -7.18 -36.52 9.44
CA PRO A 75 -7.74 -35.51 10.34
C PRO A 75 -7.02 -35.51 11.68
N CYS A 76 -6.79 -34.30 12.19
CA CYS A 76 -6.19 -34.13 13.51
C CYS A 76 -6.99 -33.11 14.29
N LEU A 77 -7.16 -33.36 15.59
CA LEU A 77 -7.84 -32.43 16.47
C LEU A 77 -6.81 -31.65 17.26
N CYS A 78 -6.92 -30.33 17.23
CA CYS A 78 -5.98 -29.52 17.97
C CYS A 78 -6.58 -28.15 18.22
N ASP A 79 -6.31 -27.61 19.40
CA ASP A 79 -6.56 -26.20 19.70
C ASP A 79 -5.22 -25.51 19.45
N VAL A 80 -5.10 -24.85 18.29
CA VAL A 80 -3.82 -24.27 17.90
C VAL A 80 -3.53 -22.94 18.59
N THR A 81 -4.39 -22.54 19.55
CA THR A 81 -4.01 -21.49 20.49
C THR A 81 -3.15 -22.01 21.64
N ASP A 82 -3.02 -23.33 21.78
CA ASP A 82 -2.31 -23.94 22.90
C ASP A 82 -0.97 -24.46 22.38
N SER A 83 0.13 -23.87 22.86
CA SER A 83 1.44 -24.21 22.31
C SER A 83 1.82 -25.67 22.56
N ALA A 84 1.49 -26.22 23.74
CA ALA A 84 1.79 -27.62 23.98
C ALA A 84 1.10 -28.52 22.96
N SER A 85 -0.15 -28.18 22.63
CA SER A 85 -0.89 -28.96 21.63
C SER A 85 -0.27 -28.81 20.24
N VAL A 86 0.10 -27.59 19.87
CA VAL A 86 0.74 -27.38 18.57
C VAL A 86 2.03 -28.16 18.48
N GLU A 87 2.86 -28.10 19.53
CA GLU A 87 4.13 -28.80 19.50
C GLU A 87 3.93 -30.30 19.28
N ARG A 88 2.95 -30.88 19.99
CA ARG A 88 2.62 -32.29 19.81
C ARG A 88 2.10 -32.57 18.40
N LEU A 89 1.24 -31.69 17.87
CA LEU A 89 0.70 -31.88 16.53
C LEU A 89 1.82 -31.93 15.50
N VAL A 90 2.78 -31.00 15.60
CA VAL A 90 3.86 -30.97 14.64
C VAL A 90 4.78 -32.18 14.80
N ALA A 91 5.12 -32.52 16.05
CA ALA A 91 6.00 -33.67 16.25
C ALA A 91 5.35 -34.94 15.73
N ASP A 92 4.06 -35.12 15.98
CA ASP A 92 3.37 -36.32 15.53
C ASP A 92 3.26 -36.36 14.01
N SER A 93 3.06 -35.19 13.39
CA SER A 93 3.02 -35.10 11.93
C SER A 93 4.36 -35.47 11.30
N VAL A 94 5.45 -34.98 11.88
CA VAL A 94 6.78 -35.34 11.39
C VAL A 94 7.02 -36.84 11.58
N ALA A 95 6.59 -37.39 12.72
CA ALA A 95 6.76 -38.83 12.94
C ALA A 95 5.97 -39.64 11.92
N ARG A 96 4.76 -39.18 11.56
CA ARG A 96 3.94 -39.94 10.62
C ARG A 96 4.40 -39.74 9.18
N CYS A 97 4.76 -38.52 8.82
CA CYS A 97 4.99 -38.17 7.42
C CYS A 97 6.42 -37.84 7.07
N GLY A 98 7.31 -37.68 8.06
CA GLY A 98 8.69 -37.38 7.81
C GLY A 98 9.00 -35.92 7.59
N ARG A 99 8.02 -35.12 7.20
CA ARG A 99 8.25 -33.74 6.81
CA ARG A 99 8.26 -33.73 6.84
C ARG A 99 6.92 -33.00 6.83
N VAL A 100 7.00 -31.68 6.93
CA VAL A 100 5.86 -30.80 6.71
C VAL A 100 6.35 -29.81 5.66
N ASP A 101 5.93 -29.99 4.41
CA ASP A 101 6.41 -29.12 3.33
C ASP A 101 5.66 -27.81 3.24
N ILE A 102 4.39 -27.79 3.62
CA ILE A 102 3.49 -26.65 3.46
C ILE A 102 2.69 -26.48 4.73
N LEU A 103 2.59 -25.24 5.22
CA LEU A 103 1.71 -24.87 6.33
C LEU A 103 0.75 -23.82 5.83
N VAL A 104 -0.55 -24.06 6.04
CA VAL A 104 -1.56 -23.07 5.74
C VAL A 104 -2.18 -22.63 7.06
N ASN A 105 -1.93 -21.38 7.44
CA ASN A 105 -2.53 -20.82 8.66
C ASN A 105 -3.88 -20.24 8.30
N ASN A 106 -4.94 -21.02 8.52
CA ASN A 106 -6.25 -20.60 8.11
C ASN A 106 -7.23 -20.37 9.26
N VAL A 107 -7.01 -20.94 10.45
CA VAL A 107 -7.95 -20.71 11.53
CA VAL A 107 -7.91 -20.69 11.57
C VAL A 107 -8.02 -19.22 11.83
N GLY A 108 -9.25 -18.76 12.09
CA GLY A 108 -9.52 -17.36 12.35
C GLY A 108 -11.02 -17.18 12.33
N ALA A 109 -11.49 -16.06 12.86
CA ALA A 109 -12.91 -15.69 12.80
C ALA A 109 -13.06 -14.30 13.35
N PRO A 110 -13.97 -13.50 12.81
CA PRO A 110 -14.21 -12.14 13.33
C PRO A 110 -15.25 -12.11 14.44
N SER A 111 -15.18 -11.04 15.23
CA SER A 111 -16.17 -10.69 16.25
CA SER A 111 -16.17 -10.69 16.23
C SER A 111 -16.52 -9.23 16.06
N PRO A 112 -17.79 -8.84 16.18
CA PRO A 112 -18.16 -7.46 15.87
C PRO A 112 -17.80 -6.46 16.94
N GLY A 113 -17.48 -5.26 16.49
CA GLY A 113 -17.33 -4.09 17.34
C GLY A 113 -16.04 -3.33 17.15
N GLY A 114 -16.11 -2.00 17.30
CA GLY A 114 -14.93 -1.16 17.36
C GLY A 114 -14.40 -1.07 18.79
N PRO A 115 -13.49 -0.13 19.05
CA PRO A 115 -12.85 -0.12 20.38
C PRO A 115 -13.79 0.12 21.54
N VAL A 116 -14.89 0.84 21.33
CA VAL A 116 -15.83 1.06 22.43
C VAL A 116 -16.67 -0.20 22.67
N ALA A 117 -17.26 -0.73 21.60
CA ALA A 117 -18.21 -1.82 21.73
C ALA A 117 -17.56 -3.17 22.02
N LEU A 118 -16.37 -3.43 21.48
CA LEU A 118 -15.76 -4.76 21.60
C LEU A 118 -15.23 -4.95 23.02
N ASP A 119 -15.75 -5.97 23.72
CA ASP A 119 -15.32 -6.23 25.08
CA ASP A 119 -15.32 -6.26 25.08
C ASP A 119 -13.82 -6.53 25.10
N GLU A 120 -13.16 -6.08 26.17
CA GLU A 120 -11.72 -6.30 26.31
C GLU A 120 -11.36 -7.80 26.26
N ALA A 121 -12.19 -8.65 26.85
CA ALA A 121 -11.92 -10.09 26.79
C ALA A 121 -12.05 -10.62 25.37
N GLN A 122 -12.99 -10.07 24.61
CA GLN A 122 -13.16 -10.51 23.22
C GLN A 122 -12.02 -10.00 22.35
N TRP A 123 -11.53 -8.79 22.60
CA TRP A 123 -10.33 -8.30 21.94
C TRP A 123 -9.18 -9.28 22.14
N ALA A 124 -8.98 -9.74 23.38
CA ALA A 124 -7.90 -10.69 23.63
C ALA A 124 -8.11 -11.98 22.86
N MET A 125 -9.35 -12.48 22.85
CA MET A 125 -9.64 -13.71 22.12
CA MET A 125 -9.64 -13.71 22.12
C MET A 125 -9.43 -13.54 20.62
N GLN A 126 -9.74 -12.36 20.09
CA GLN A 126 -9.58 -12.07 18.67
C GLN A 126 -8.11 -12.07 18.27
N LEU A 127 -7.25 -11.42 19.08
CA LEU A 127 -5.82 -11.48 18.78
C LEU A 127 -5.29 -12.90 18.87
N GLU A 128 -5.75 -13.65 19.87
CA GLU A 128 -5.27 -15.03 20.06
C GLU A 128 -5.69 -15.92 18.91
N LEU A 129 -6.97 -15.86 18.52
CA LEU A 129 -7.49 -16.77 17.51
C LEU A 129 -6.94 -16.43 16.12
N ASN A 130 -6.82 -15.15 15.80
CA ASN A 130 -6.50 -14.76 14.44
C ASN A 130 -5.02 -14.54 14.20
N LEU A 131 -4.24 -14.27 15.25
CA LEU A 131 -2.84 -13.93 15.09
C LEU A 131 -1.93 -14.87 15.87
N THR A 132 -2.18 -15.09 17.15
CA THR A 132 -1.29 -15.96 17.92
C THR A 132 -1.27 -17.38 17.36
N THR A 133 -2.40 -17.88 16.87
CA THR A 133 -2.41 -19.21 16.24
C THR A 133 -1.37 -19.32 15.15
N ALA A 134 -1.31 -18.32 14.26
CA ALA A 134 -0.35 -18.36 13.17
C ALA A 134 1.07 -18.26 13.68
N PHE A 135 1.30 -17.41 14.71
CA PHE A 135 2.60 -17.32 15.35
C PHE A 135 3.05 -18.66 15.92
N LEU A 136 2.14 -19.37 16.64
CA LEU A 136 2.52 -20.65 17.24
C LEU A 136 2.78 -21.72 16.19
N MET A 137 1.93 -21.78 15.14
CA MET A 137 2.20 -22.75 14.09
C MET A 137 3.56 -22.50 13.46
N CYS A 138 3.91 -21.22 13.21
CA CYS A 138 5.22 -20.91 12.66
C CYS A 138 6.33 -21.29 13.63
N LYS A 139 6.14 -21.02 14.93
CA LYS A 139 7.16 -21.35 15.93
C LYS A 139 7.58 -22.81 15.85
N TYR A 140 6.62 -23.71 15.66
CA TYR A 140 6.92 -25.14 15.70
C TYR A 140 7.15 -25.76 14.33
N VAL A 141 6.63 -25.14 13.27
CA VAL A 141 6.85 -25.68 11.92
C VAL A 141 8.15 -25.16 11.30
N LEU A 142 8.53 -23.92 11.57
CA LEU A 142 9.75 -23.37 10.98
C LEU A 142 10.99 -24.22 11.22
N PRO A 143 11.25 -24.75 12.43
CA PRO A 143 12.44 -25.59 12.59
C PRO A 143 12.41 -26.84 11.71
N VAL A 144 11.22 -27.41 11.50
CA VAL A 144 11.10 -28.58 10.64
C VAL A 144 11.45 -28.19 9.20
N MET A 145 10.90 -27.08 8.72
CA MET A 145 11.19 -26.61 7.36
C MET A 145 12.65 -26.26 7.19
N GLU A 146 13.24 -25.57 8.17
CA GLU A 146 14.66 -25.23 8.08
C GLU A 146 15.52 -26.48 7.97
N GLN A 147 15.26 -27.47 8.84
CA GLN A 147 16.09 -28.66 8.90
C GLN A 147 15.98 -29.46 7.61
N GLN A 148 14.79 -29.50 7.00
CA GLN A 148 14.56 -30.35 5.84
C GLN A 148 14.96 -29.67 4.53
N GLY A 149 15.34 -28.40 4.57
CA GLY A 149 15.81 -27.72 3.38
C GLY A 149 14.84 -26.75 2.74
N GLY A 150 13.69 -26.49 3.36
CA GLY A 150 12.79 -25.47 2.86
C GLY A 150 11.34 -25.83 3.11
N GLY A 151 10.48 -24.91 2.70
CA GLY A 151 9.04 -25.10 2.85
C GLY A 151 8.30 -23.86 2.41
N ALA A 152 6.97 -23.95 2.46
CA ALA A 152 6.13 -22.83 2.07
C ALA A 152 5.04 -22.65 3.11
N ILE A 153 4.85 -21.42 3.57
CA ILE A 153 3.79 -21.05 4.50
C ILE A 153 2.84 -20.09 3.79
N VAL A 154 1.53 -20.34 3.93
CA VAL A 154 0.49 -19.48 3.38
C VAL A 154 -0.42 -19.07 4.52
N ASN A 155 -0.48 -17.76 4.80
CA ASN A 155 -1.40 -17.24 5.80
C ASN A 155 -2.68 -16.83 5.10
N ILE A 156 -3.83 -17.22 5.65
CA ILE A 156 -5.11 -16.78 5.13
C ILE A 156 -5.57 -15.60 5.98
N ALA A 157 -5.40 -14.39 5.44
CA ALA A 157 -5.70 -13.15 6.15
C ALA A 157 -7.12 -12.69 5.77
N SER A 158 -7.34 -11.43 5.45
CA SER A 158 -8.65 -10.87 5.13
C SER A 158 -8.44 -9.45 4.65
N THR A 159 -9.33 -8.99 3.75
CA THR A 159 -9.36 -7.58 3.38
C THR A 159 -9.62 -6.70 4.60
N SER A 160 -10.18 -7.23 5.69
CA SER A 160 -10.32 -6.44 6.89
CA SER A 160 -10.32 -6.46 6.90
C SER A 160 -8.97 -6.00 7.45
N GLY A 161 -7.88 -6.67 7.07
CA GLY A 161 -6.56 -6.24 7.47
C GLY A 161 -5.99 -5.10 6.67
N ILE A 162 -6.66 -4.69 5.58
CA ILE A 162 -6.14 -3.62 4.72
C ILE A 162 -7.14 -2.50 4.45
N ARG A 163 -8.43 -2.69 4.77
CA ARG A 163 -9.46 -1.71 4.50
C ARG A 163 -10.56 -1.83 5.54
N TRP A 164 -11.34 -0.74 5.70
CA TRP A 164 -12.69 -0.85 6.24
C TRP A 164 -13.59 -1.34 5.13
N THR A 165 -14.25 -2.49 5.33
CA THR A 165 -15.06 -3.07 4.26
C THR A 165 -16.54 -3.07 4.56
N GLY A 166 -16.94 -2.44 5.66
CA GLY A 166 -18.36 -2.31 5.95
C GLY A 166 -18.73 -2.41 7.41
N ALA A 167 -18.00 -3.23 8.17
CA ALA A 167 -18.39 -3.53 9.54
C ALA A 167 -17.23 -3.27 10.48
N ALA A 168 -17.58 -2.85 11.69
CA ALA A 168 -16.61 -2.67 12.75
C ALA A 168 -16.29 -4.04 13.35
N GLN A 169 -15.00 -4.33 13.49
CA GLN A 169 -14.49 -5.59 13.99
C GLN A 169 -13.00 -5.35 14.25
N VAL A 170 -12.70 -4.54 15.27
CA VAL A 170 -11.37 -3.94 15.35
C VAL A 170 -10.31 -4.97 15.75
N GLY A 171 -10.68 -5.96 16.56
CA GLY A 171 -9.74 -7.02 16.87
C GLY A 171 -9.37 -7.84 15.66
N TYR A 172 -10.36 -8.14 14.81
CA TYR A 172 -10.09 -8.89 13.59
C TYR A 172 -9.26 -8.09 12.61
N ALA A 173 -9.60 -6.81 12.43
CA ALA A 173 -8.83 -5.94 11.53
C ALA A 173 -7.38 -5.83 11.98
N ALA A 174 -7.16 -5.55 13.27
CA ALA A 174 -5.80 -5.42 13.77
C ALA A 174 -5.06 -6.75 13.67
N ALA A 175 -5.72 -7.85 14.05
CA ALA A 175 -5.06 -9.14 14.03
C ALA A 175 -4.69 -9.56 12.61
N LYS A 176 -5.60 -9.34 11.66
CA LYS A 176 -5.31 -9.74 10.29
C LYS A 176 -4.23 -8.87 9.64
N ALA A 177 -4.17 -7.58 9.97
CA ALA A 177 -3.05 -6.76 9.53
C ALA A 177 -1.75 -7.27 10.17
N GLY A 178 -1.79 -7.63 11.45
CA GLY A 178 -0.63 -8.23 12.07
C GLY A 178 -0.20 -9.51 11.38
N MET A 179 -1.16 -10.33 10.96
CA MET A 179 -0.85 -11.60 10.31
C MET A 179 -0.15 -11.36 8.98
N ILE A 180 -0.63 -10.38 8.20
CA ILE A 180 0.01 -10.07 6.92
C ILE A 180 1.45 -9.63 7.13
N GLN A 181 1.68 -8.74 8.09
CA GLN A 181 3.03 -8.24 8.33
C GLN A 181 3.93 -9.30 8.95
N MET A 182 3.37 -10.12 9.85
CA MET A 182 4.16 -11.24 10.36
C MET A 182 4.65 -12.12 9.21
N GLY A 183 3.78 -12.39 8.25
CA GLY A 183 4.19 -13.15 7.09
C GLY A 183 5.37 -12.52 6.38
N ARG A 184 5.32 -11.20 6.18
CA ARG A 184 6.39 -10.52 5.47
C ARG A 184 7.71 -10.62 6.20
N VAL A 185 7.70 -10.41 7.53
CA VAL A 185 8.97 -10.39 8.27
C VAL A 185 9.52 -11.80 8.49
N VAL A 186 8.64 -12.79 8.63
CA VAL A 186 9.11 -14.17 8.66
C VAL A 186 9.68 -14.56 7.30
N ALA A 187 9.03 -14.10 6.22
CA ALA A 187 9.57 -14.36 4.88
C ALA A 187 11.00 -13.84 4.75
N VAL A 188 11.25 -12.60 5.17
CA VAL A 188 12.59 -12.05 5.03
C VAL A 188 13.58 -12.82 5.90
N GLU A 189 13.18 -13.13 7.14
CA GLU A 189 14.10 -13.77 8.08
C GLU A 189 14.48 -15.18 7.62
N TYR A 190 13.55 -15.92 7.02
CA TYR A 190 13.75 -17.33 6.72
C TYR A 190 14.00 -17.60 5.24
N ALA A 191 14.04 -16.56 4.40
CA ALA A 191 14.29 -16.77 2.98
C ALA A 191 15.61 -17.51 2.73
N ALA A 192 16.65 -17.20 3.49
CA ALA A 192 17.93 -17.88 3.26
C ALA A 192 17.85 -19.37 3.54
N LYS A 193 16.86 -19.81 4.32
CA LYS A 193 16.63 -21.22 4.59
C LYS A 193 15.65 -21.85 3.61
N ASN A 194 15.33 -21.15 2.53
CA ASN A 194 14.44 -21.65 1.47
C ASN A 194 13.01 -21.85 1.98
N VAL A 195 12.60 -21.03 2.94
CA VAL A 195 11.22 -21.03 3.41
C VAL A 195 10.55 -19.78 2.86
N ARG A 196 9.46 -19.96 2.13
CA ARG A 196 8.69 -18.84 1.61
C ARG A 196 7.45 -18.62 2.47
N VAL A 197 7.04 -17.37 2.61
CA VAL A 197 5.84 -17.03 3.40
C VAL A 197 5.06 -15.96 2.65
N ASN A 198 3.78 -16.22 2.38
CA ASN A 198 2.92 -15.28 1.68
C ASN A 198 1.53 -15.34 2.28
N SER A 199 0.72 -14.33 2.01
CA SER A 199 -0.67 -14.33 2.49
C SER A 199 -1.66 -14.30 1.34
N VAL A 200 -2.77 -15.00 1.50
CA VAL A 200 -3.97 -14.73 0.71
C VAL A 200 -4.82 -13.75 1.48
N VAL A 201 -5.35 -12.75 0.78
CA VAL A 201 -6.17 -11.72 1.42
C VAL A 201 -7.57 -11.82 0.84
N PRO A 202 -8.43 -12.70 1.35
CA PRO A 202 -9.76 -12.85 0.79
C PRO A 202 -10.66 -11.69 1.20
N GLY A 203 -11.51 -11.29 0.27
CA GLY A 203 -12.51 -10.27 0.53
C GLY A 203 -13.81 -10.86 1.03
N LEU A 204 -14.93 -10.36 0.52
CA LEU A 204 -16.26 -10.81 0.93
C LEU A 204 -16.60 -12.07 0.13
N LEU A 205 -16.67 -13.22 0.80
CA LEU A 205 -16.90 -14.51 0.18
C LEU A 205 -18.10 -15.21 0.77
N HIS A 206 -18.61 -16.19 0.02
CA HIS A 206 -19.60 -17.15 0.51
C HIS A 206 -18.84 -18.32 1.14
N THR A 207 -18.73 -18.32 2.46
CA THR A 207 -18.24 -19.48 3.18
C THR A 207 -19.29 -19.85 4.21
N PRO A 208 -19.29 -21.10 4.71
CA PRO A 208 -20.30 -21.45 5.73
C PRO A 208 -20.28 -20.54 6.94
N MET A 209 -19.10 -20.15 7.44
CA MET A 209 -19.10 -19.32 8.63
CA MET A 209 -19.03 -19.30 8.63
C MET A 209 -19.63 -17.92 8.34
N VAL A 210 -19.29 -17.35 7.20
CA VAL A 210 -19.77 -16.01 6.87
C VAL A 210 -21.27 -16.04 6.59
N ASP A 211 -21.71 -17.03 5.80
CA ASP A 211 -23.11 -17.07 5.41
C ASP A 211 -24.02 -17.41 6.59
N THR A 212 -23.59 -18.35 7.44
CA THR A 212 -24.42 -18.76 8.58
C THR A 212 -24.60 -17.61 9.56
N LYS A 213 -23.56 -16.82 9.78
CA LYS A 213 -23.67 -15.67 10.66
C LYS A 213 -24.68 -14.67 10.12
N ILE A 214 -24.60 -14.38 8.83
CA ILE A 214 -25.53 -13.45 8.20
C ILE A 214 -26.96 -13.99 8.26
N ALA A 215 -27.14 -15.27 7.89
CA ALA A 215 -28.48 -15.86 7.90
C ALA A 215 -29.04 -15.90 9.32
N HIS A 216 -28.20 -16.21 10.31
CA HIS A 216 -28.60 -16.22 11.71
C HIS A 216 -28.16 -14.91 12.37
N ASN A 217 -28.83 -13.83 11.95
CA ASN A 217 -28.66 -12.52 12.57
C ASN A 217 -29.82 -11.60 12.20
N GLY A 220 -29.36 -6.41 13.79
CA GLY A 220 -29.69 -7.53 12.93
C GLY A 220 -30.87 -7.26 12.01
N GLY A 221 -30.58 -6.77 10.80
CA GLY A 221 -31.61 -6.42 9.85
C GLY A 221 -31.90 -7.51 8.83
N ASP A 222 -32.64 -7.12 7.80
CA ASP A 222 -33.06 -8.07 6.77
C ASP A 222 -31.85 -8.68 6.07
N VAL A 223 -31.90 -9.99 5.87
CA VAL A 223 -30.74 -10.72 5.36
C VAL A 223 -30.48 -10.36 3.90
N GLU A 224 -31.53 -10.32 3.08
CA GLU A 224 -31.34 -10.06 1.66
C GLU A 224 -30.79 -8.67 1.42
N LEU A 225 -31.28 -7.68 2.18
CA LEU A 225 -30.72 -6.33 2.15
C LEU A 225 -29.22 -6.36 2.39
N LEU A 226 -28.80 -7.07 3.43
CA LEU A 226 -27.37 -7.17 3.77
C LEU A 226 -26.59 -7.83 2.64
N LEU A 227 -27.10 -8.95 2.12
CA LEU A 227 -26.43 -9.62 1.01
C LEU A 227 -26.23 -8.70 -0.18
N ARG A 228 -27.25 -7.93 -0.52
CA ARG A 228 -27.15 -7.01 -1.66
C ARG A 228 -26.17 -5.88 -1.37
N LYS A 229 -26.17 -5.38 -0.13
CA LYS A 229 -25.22 -4.33 0.24
C LYS A 229 -23.78 -4.83 0.09
N ARG A 230 -23.52 -6.06 0.49
CA ARG A 230 -22.18 -6.61 0.35
C ARG A 230 -21.80 -6.79 -1.11
N GLN A 231 -22.72 -7.33 -1.92
CA GLN A 231 -22.42 -7.52 -3.33
C GLN A 231 -22.13 -6.20 -4.04
N ALA A 232 -22.80 -5.12 -3.62
CA ALA A 232 -22.58 -3.82 -4.26
C ALA A 232 -21.17 -3.30 -4.04
N ARG A 233 -20.42 -3.89 -3.11
CA ARG A 233 -19.03 -3.48 -2.91
C ARG A 233 -18.08 -4.19 -3.86
N ILE A 234 -18.56 -5.17 -4.59
CA ILE A 234 -17.71 -6.03 -5.42
C ILE A 234 -17.90 -5.62 -6.88
N PRO A 235 -16.87 -5.15 -7.56
CA PRO A 235 -17.03 -4.79 -8.98
C PRO A 235 -17.43 -5.97 -9.86
N MET A 236 -16.88 -7.16 -9.61
CA MET A 236 -17.26 -8.29 -10.43
CA MET A 236 -17.24 -8.33 -10.40
C MET A 236 -18.70 -8.72 -10.15
N PRO A 237 -19.36 -9.35 -11.14
CA PRO A 237 -20.80 -9.58 -11.01
C PRO A 237 -21.20 -10.82 -10.23
N PHE A 238 -20.30 -11.33 -9.39
CA PHE A 238 -20.61 -12.46 -8.54
C PHE A 238 -19.77 -12.34 -7.28
N MET A 239 -20.03 -13.23 -6.33
CA MET A 239 -19.25 -13.33 -5.12
C MET A 239 -18.56 -14.69 -5.07
N GLY A 240 -17.27 -14.68 -4.78
CA GLY A 240 -16.50 -15.91 -4.72
C GLY A 240 -16.77 -16.73 -3.45
N ASP A 241 -16.01 -17.81 -3.31
CA ASP A 241 -16.14 -18.69 -2.16
C ASP A 241 -14.76 -19.24 -1.81
N GLY A 242 -14.71 -20.20 -0.88
CA GLY A 242 -13.42 -20.73 -0.44
C GLY A 242 -12.57 -21.29 -1.57
N ARG A 243 -13.20 -21.74 -2.67
CA ARG A 243 -12.41 -22.26 -3.78
C ARG A 243 -11.52 -21.20 -4.38
N ASP A 244 -11.95 -19.93 -4.33
CA ASP A 244 -11.11 -18.84 -4.82
C ASP A 244 -9.90 -18.62 -3.92
N THR A 245 -10.12 -18.60 -2.61
CA THR A 245 -9.00 -18.56 -1.66
C THR A 245 -8.07 -19.73 -1.90
N ALA A 246 -8.63 -20.93 -2.08
CA ALA A 246 -7.82 -22.14 -2.23
C ALA A 246 -6.96 -22.09 -3.48
N ASN A 247 -7.50 -21.59 -4.60
CA ASN A 247 -6.70 -21.52 -5.82
C ASN A 247 -5.53 -20.55 -5.69
N ALA A 248 -5.74 -19.43 -5.00
CA ALA A 248 -4.62 -18.52 -4.74
C ALA A 248 -3.61 -19.16 -3.78
N ALA A 249 -4.10 -19.85 -2.74
CA ALA A 249 -3.18 -20.51 -1.82
C ALA A 249 -2.39 -21.61 -2.52
N LEU A 250 -3.04 -22.31 -3.46
CA LEU A 250 -2.37 -23.37 -4.22
C LEU A 250 -1.19 -22.81 -5.00
N PHE A 251 -1.40 -21.71 -5.72
CA PHE A 251 -0.28 -21.07 -6.40
C PHE A 251 0.84 -20.75 -5.42
N LEU A 252 0.51 -20.09 -4.30
CA LEU A 252 1.55 -19.63 -3.38
C LEU A 252 2.28 -20.79 -2.70
N ALA A 253 1.59 -21.92 -2.49
CA ALA A 253 2.21 -23.08 -1.85
C ALA A 253 3.06 -23.90 -2.80
N SER A 254 2.90 -23.71 -4.10
CA SER A 254 3.50 -24.56 -5.11
C SER A 254 4.88 -24.04 -5.52
N ASP A 255 5.66 -24.95 -6.12
CA ASP A 255 6.97 -24.59 -6.65
C ASP A 255 6.90 -23.61 -7.82
N GLU A 256 5.72 -23.44 -8.43
CA GLU A 256 5.58 -22.42 -9.46
C GLU A 256 5.71 -21.01 -8.88
N ALA A 257 5.59 -20.87 -7.56
CA ALA A 257 5.83 -19.61 -6.87
C ALA A 257 7.18 -19.59 -6.14
N ARG A 258 8.17 -20.33 -6.65
CA ARG A 258 9.47 -20.46 -6.00
C ARG A 258 10.17 -19.12 -5.74
N PHE A 259 9.83 -18.05 -6.48
CA PHE A 259 10.46 -16.75 -6.31
C PHE A 259 9.48 -15.72 -5.73
N VAL A 260 8.36 -16.20 -5.19
CA VAL A 260 7.33 -15.33 -4.60
C VAL A 260 7.40 -15.50 -3.10
N THR A 261 7.76 -14.43 -2.40
CA THR A 261 7.76 -14.50 -0.94
C THR A 261 7.62 -13.10 -0.37
N GLY A 262 7.06 -13.05 0.84
CA GLY A 262 6.90 -11.76 1.50
C GLY A 262 5.79 -10.90 0.94
N THR A 263 4.79 -11.49 0.28
CA THR A 263 3.79 -10.68 -0.38
C THR A 263 2.42 -11.34 -0.23
N GLU A 264 1.44 -10.75 -0.91
CA GLU A 264 0.05 -11.15 -0.78
C GLU A 264 -0.62 -11.31 -2.15
N ILE A 265 -1.68 -12.10 -2.17
CA ILE A 265 -2.64 -12.11 -3.28
C ILE A 265 -4.01 -11.76 -2.71
N VAL A 266 -4.55 -10.64 -3.17
CA VAL A 266 -5.89 -10.21 -2.77
C VAL A 266 -6.92 -10.89 -3.67
N VAL A 267 -7.92 -11.52 -3.04
CA VAL A 267 -8.92 -12.32 -3.73
C VAL A 267 -10.27 -11.71 -3.33
N ASP A 268 -10.69 -10.68 -4.07
CA ASP A 268 -11.82 -9.89 -3.58
C ASP A 268 -12.72 -9.33 -4.67
N GLY A 269 -12.61 -9.80 -5.90
CA GLY A 269 -13.47 -9.32 -6.97
C GLY A 269 -13.27 -7.86 -7.34
N GLY A 270 -12.16 -7.25 -6.93
CA GLY A 270 -11.88 -5.85 -7.21
C GLY A 270 -12.25 -4.88 -6.10
N MET A 271 -12.77 -5.35 -4.98
CA MET A 271 -13.34 -4.47 -3.97
C MET A 271 -12.32 -3.47 -3.42
N SER A 272 -11.10 -3.94 -3.09
CA SER A 272 -10.19 -3.02 -2.42
CA SER A 272 -10.11 -3.09 -2.44
C SER A 272 -9.55 -2.01 -3.38
N ALA A 273 -9.71 -2.20 -4.70
CA ALA A 273 -9.20 -1.23 -5.66
C ALA A 273 -10.10 0.00 -5.81
N ARG A 274 -11.29 -0.01 -5.24
CA ARG A 274 -12.24 1.08 -5.39
C ARG A 274 -12.59 1.68 -4.03
N CYS A 275 -12.92 2.97 -4.06
CA CYS A 275 -13.45 3.65 -2.88
C CYS A 275 -14.59 4.57 -3.27
N ASP A 276 -15.25 4.27 -4.38
CA ASP A 276 -16.41 5.04 -4.77
C ASP A 276 -17.66 4.59 -4.03
N ALA B 12 -0.59 32.79 19.07
CA ALA B 12 -1.46 31.61 18.98
C ALA B 12 -0.69 30.41 18.45
N GLY B 13 -0.51 29.42 19.30
CA GLY B 13 0.14 28.20 18.87
C GLY B 13 -0.76 27.32 18.03
N ARG B 14 -0.15 26.33 17.38
CA ARG B 14 -0.90 25.47 16.47
C ARG B 14 -1.84 24.53 17.19
N LEU B 15 -1.70 24.36 18.51
CA LEU B 15 -2.62 23.56 19.31
C LEU B 15 -3.23 24.41 20.43
N GLN B 16 -3.37 25.71 20.19
CA GLN B 16 -3.77 26.61 21.27
C GLN B 16 -5.09 26.17 21.90
N GLY B 17 -5.08 26.04 23.23
CA GLY B 17 -6.28 25.70 23.97
C GLY B 17 -6.68 24.24 23.92
N LYS B 18 -5.92 23.40 23.23
CA LYS B 18 -6.25 21.98 23.17
C LYS B 18 -5.69 21.25 24.38
N VAL B 19 -6.36 20.17 24.77
CA VAL B 19 -5.88 19.27 25.82
C VAL B 19 -5.40 18.01 25.11
N ALA B 20 -4.13 17.64 25.33
CA ALA B 20 -3.51 16.52 24.63
C ALA B 20 -3.01 15.50 25.66
N LEU B 21 -3.56 14.28 25.60
CA LEU B 21 -3.13 13.20 26.46
C LEU B 21 -2.09 12.37 25.70
N VAL B 22 -0.87 12.31 26.22
CA VAL B 22 0.25 11.64 25.55
C VAL B 22 0.71 10.48 26.41
N THR B 23 0.58 9.25 25.91
CA THR B 23 1.08 8.11 26.66
C THR B 23 2.56 7.90 26.36
N GLY B 24 3.23 7.17 27.24
CA GLY B 24 4.66 6.98 27.08
C GLY B 24 5.44 8.29 27.01
N ALA B 25 5.08 9.26 27.85
CA ALA B 25 5.66 10.59 27.82
C ALA B 25 6.98 10.67 28.58
N GLY B 26 7.34 9.62 29.28
CA GLY B 26 8.62 9.59 29.96
C GLY B 26 9.71 9.16 29.01
N CYS B 27 10.94 9.24 29.51
CA CYS B 27 12.12 8.95 28.70
C CYS B 27 13.22 8.50 29.64
N ILE B 28 13.89 7.41 29.30
CA ILE B 28 15.01 6.91 30.09
C ILE B 28 16.28 7.27 29.33
N GLY B 29 16.92 8.35 29.76
CA GLY B 29 18.21 8.73 29.26
C GLY B 29 18.18 10.04 28.52
N PRO B 30 19.37 10.51 28.16
CA PRO B 30 19.48 11.81 27.49
C PRO B 30 19.05 11.76 26.04
N GLY B 31 18.48 12.86 25.58
CA GLY B 31 18.13 12.97 24.18
C GLY B 31 16.64 13.07 23.95
N TRP B 32 16.29 13.16 22.68
CA TRP B 32 14.91 13.39 22.28
C TRP B 32 14.24 12.05 21.96
N GLY B 33 13.78 11.37 23.01
CA GLY B 33 12.85 10.27 22.81
C GLY B 33 11.53 10.77 22.24
N ASN B 34 10.75 9.85 21.65
CA ASN B 34 9.49 10.25 21.03
C ASN B 34 8.54 10.90 22.04
N GLY B 35 8.35 10.27 23.20
CA GLY B 35 7.41 10.81 24.17
C GLY B 35 7.84 12.16 24.73
N ARG B 36 9.11 12.30 25.09
CA ARG B 36 9.63 13.57 25.59
C ARG B 36 9.46 14.65 24.53
N ALA B 37 9.80 14.33 23.27
CA ALA B 37 9.73 15.31 22.20
C ALA B 37 8.29 15.70 21.90
N ILE B 38 7.36 14.74 21.92
CA ILE B 38 5.95 15.06 21.66
C ILE B 38 5.40 15.97 22.75
N ALA B 39 5.64 15.64 24.02
CA ALA B 39 5.14 16.47 25.11
C ALA B 39 5.69 17.90 25.01
N VAL B 40 6.99 18.03 24.77
CA VAL B 40 7.62 19.35 24.67
C VAL B 40 7.05 20.13 23.48
N ARG B 41 6.99 19.49 22.30
CA ARG B 41 6.55 20.22 21.11
C ARG B 41 5.09 20.62 21.23
N PHE B 42 4.26 19.74 21.75
CA PHE B 42 2.84 20.06 21.86
C PHE B 42 2.62 21.20 22.85
N ALA B 43 3.34 21.20 23.97
CA ALA B 43 3.20 22.29 24.92
C ALA B 43 3.71 23.61 24.33
N GLU B 44 4.76 23.56 23.51
CA GLU B 44 5.25 24.77 22.85
C GLU B 44 4.17 25.38 21.96
N GLU B 45 3.28 24.55 21.41
CA GLU B 45 2.23 25.03 20.53
C GLU B 45 0.93 25.30 21.27
N GLY B 46 0.97 25.41 22.59
CA GLY B 46 -0.17 25.90 23.36
C GLY B 46 -1.10 24.83 23.90
N ALA B 47 -0.80 23.56 23.70
CA ALA B 47 -1.63 22.52 24.27
C ALA B 47 -1.34 22.39 25.76
N HIS B 48 -2.38 22.05 26.52
CA HIS B 48 -2.15 21.52 27.84
C HIS B 48 -1.89 20.03 27.70
N VAL B 49 -0.73 19.57 28.11
CA VAL B 49 -0.32 18.18 27.91
C VAL B 49 -0.57 17.42 29.20
N ILE B 50 -1.32 16.33 29.09
CA ILE B 50 -1.42 15.34 30.14
C ILE B 50 -0.37 14.29 29.79
N ALA B 51 0.74 14.30 30.52
CA ALA B 51 1.88 13.44 30.23
C ALA B 51 1.73 12.18 31.08
N VAL B 52 1.60 11.03 30.43
CA VAL B 52 1.30 9.77 31.10
C VAL B 52 2.47 8.83 30.92
N ASP B 53 2.84 8.12 31.98
CA ASP B 53 3.88 7.11 31.87
C ASP B 53 3.72 6.13 33.03
N ARG B 54 4.26 4.93 32.82
CA ARG B 54 4.32 3.93 33.90
C ARG B 54 5.42 4.20 34.92
N ASP B 55 6.30 5.17 34.66
CA ASP B 55 7.37 5.54 35.58
C ASP B 55 7.26 7.04 35.78
N LEU B 56 6.96 7.47 37.00
CA LEU B 56 6.67 8.87 37.22
C LEU B 56 7.95 9.71 37.11
N ALA B 57 9.06 9.21 37.68
CA ALA B 57 10.31 9.96 37.65
C ALA B 57 10.82 10.16 36.23
N SER B 58 10.53 9.23 35.32
CA SER B 58 10.99 9.33 33.94
C SER B 58 10.42 10.55 33.22
N MET B 59 9.41 11.21 33.79
CA MET B 59 8.85 12.40 33.18
C MET B 59 9.39 13.70 33.77
N ASP B 60 10.20 13.63 34.84
CA ASP B 60 10.63 14.86 35.51
C ASP B 60 11.31 15.81 34.54
N ALA B 61 12.22 15.31 33.70
CA ALA B 61 12.90 16.21 32.78
C ALA B 61 11.93 16.75 31.73
N THR B 62 10.98 15.91 31.28
CA THR B 62 9.95 16.39 30.35
C THR B 62 9.21 17.57 30.98
N LEU B 63 8.82 17.44 32.24
CA LEU B 63 8.09 18.52 32.89
C LEU B 63 8.91 19.80 32.96
N GLU B 64 10.20 19.68 33.32
CA GLU B 64 11.01 20.88 33.49
CA GLU B 64 11.01 20.88 33.49
C GLU B 64 11.32 21.56 32.15
N LEU B 65 11.49 20.77 31.08
CA LEU B 65 11.67 21.36 29.76
C LEU B 65 10.44 22.15 29.34
N VAL B 66 9.25 21.59 29.56
CA VAL B 66 8.01 22.30 29.25
C VAL B 66 7.91 23.56 30.07
N ARG B 67 8.12 23.43 31.38
CA ARG B 67 7.86 24.54 32.29
C ARG B 67 8.91 25.63 32.20
N ALA B 68 10.16 25.28 31.86
CA ALA B 68 11.15 26.31 31.65
C ALA B 68 10.75 27.22 30.50
N ALA B 69 10.00 26.68 29.54
CA ALA B 69 9.47 27.45 28.42
C ALA B 69 8.09 28.04 28.69
N GLY B 70 7.57 27.91 29.91
CA GLY B 70 6.28 28.49 30.24
C GLY B 70 5.07 27.70 29.81
N GLY B 71 5.24 26.42 29.48
CA GLY B 71 4.14 25.62 28.99
C GLY B 71 3.37 24.93 30.09
N SER B 72 2.29 24.28 29.68
CA SER B 72 1.31 23.70 30.60
C SER B 72 1.33 22.18 30.44
N VAL B 73 1.65 21.48 31.54
CA VAL B 73 1.77 20.03 31.53
C VAL B 73 1.42 19.50 32.92
N THR B 74 0.82 18.32 32.97
CA THR B 74 0.53 17.62 34.21
C THR B 74 0.97 16.17 34.07
N PRO B 75 1.78 15.64 34.98
CA PRO B 75 2.15 14.22 34.91
C PRO B 75 1.08 13.34 35.54
N CYS B 76 0.96 12.14 34.99
CA CYS B 76 0.06 11.11 35.52
CA CYS B 76 0.08 11.13 35.56
C CYS B 76 0.76 9.77 35.45
N LEU B 77 0.82 9.06 36.58
CA LEU B 77 1.35 7.72 36.63
C LEU B 77 0.24 6.74 36.27
N CYS B 78 0.45 5.94 35.23
CA CYS B 78 -0.58 5.01 34.82
C CYS B 78 0.04 3.89 34.02
N ASP B 79 -0.44 2.67 34.24
CA ASP B 79 -0.15 1.50 33.42
C ASP B 79 -1.33 1.34 32.47
N VAL B 80 -1.15 1.78 31.22
CA VAL B 80 -2.25 1.79 30.25
C VAL B 80 -2.51 0.42 29.64
N THR B 81 -1.83 -0.63 30.13
CA THR B 81 -2.31 -1.98 29.86
C THR B 81 -3.45 -2.38 30.78
N ASP B 82 -3.73 -1.61 31.82
CA ASP B 82 -4.76 -1.94 32.81
C ASP B 82 -5.99 -1.08 32.55
N SER B 83 -7.08 -1.72 32.11
CA SER B 83 -8.26 -0.95 31.71
C SER B 83 -8.86 -0.16 32.86
N ALA B 84 -8.86 -0.71 34.09
CA ALA B 84 -9.35 0.06 35.22
C ALA B 84 -8.55 1.35 35.41
N SER B 85 -7.24 1.29 35.24
CA SER B 85 -6.41 2.49 35.35
C SER B 85 -6.68 3.48 34.23
N VAL B 86 -6.84 2.99 33.00
CA VAL B 86 -7.17 3.86 31.89
C VAL B 86 -8.49 4.57 32.13
N GLU B 87 -9.49 3.82 32.60
N GLU B 87 -9.50 3.83 32.59
CA GLU B 87 -10.80 4.41 32.88
CA GLU B 87 -10.79 4.44 32.89
C GLU B 87 -10.67 5.56 33.88
C GLU B 87 -10.65 5.61 33.87
N ARG B 88 -9.91 5.37 34.95
CA ARG B 88 -9.72 6.45 35.93
CA ARG B 88 -9.63 6.40 35.96
C ARG B 88 -8.92 7.60 35.33
N LEU B 89 -7.89 7.32 34.53
CA LEU B 89 -7.10 8.38 33.91
C LEU B 89 -7.98 9.27 33.06
N VAL B 90 -8.82 8.66 32.22
CA VAL B 90 -9.65 9.46 31.32
C VAL B 90 -10.70 10.25 32.11
N ALA B 91 -11.34 9.62 33.08
CA ALA B 91 -12.34 10.34 33.86
C ALA B 91 -11.69 11.51 34.61
N ASP B 92 -10.50 11.29 35.18
CA ASP B 92 -9.82 12.36 35.91
C ASP B 92 -9.44 13.49 34.96
N SER B 93 -9.03 13.15 33.74
CA SER B 93 -8.66 14.17 32.78
C SER B 93 -9.86 15.03 32.39
N VAL B 94 -11.01 14.41 32.16
CA VAL B 94 -12.22 15.17 31.84
C VAL B 94 -12.64 16.02 33.03
N ALA B 95 -12.56 15.47 34.23
CA ALA B 95 -12.94 16.25 35.42
C ALA B 95 -12.06 17.48 35.59
N ARG B 96 -10.74 17.32 35.40
CA ARG B 96 -9.83 18.43 35.60
C ARG B 96 -9.80 19.39 34.42
N CYS B 97 -9.92 18.88 33.19
CA CYS B 97 -9.65 19.68 31.99
C CYS B 97 -10.86 19.94 31.12
N GLY B 98 -11.99 19.27 31.37
CA GLY B 98 -13.19 19.47 30.60
C GLY B 98 -13.28 18.66 29.33
N ARG B 99 -12.16 18.51 28.64
CA ARG B 99 -12.11 17.84 27.34
C ARG B 99 -10.80 17.07 27.24
N VAL B 100 -10.79 16.08 26.36
CA VAL B 100 -9.55 15.50 25.85
C VAL B 100 -9.63 15.67 24.34
N ASP B 101 -8.92 16.68 23.82
CA ASP B 101 -9.02 16.98 22.39
C ASP B 101 -8.14 16.10 21.55
N ILE B 102 -7.00 15.66 22.08
CA ILE B 102 -5.98 14.95 21.33
C ILE B 102 -5.50 13.80 22.18
N LEU B 103 -5.37 12.62 21.58
CA LEU B 103 -4.77 11.46 22.21
C LEU B 103 -3.59 11.03 21.35
N VAL B 104 -2.41 10.90 21.96
CA VAL B 104 -1.23 10.36 21.28
C VAL B 104 -0.90 9.04 21.94
N ASN B 105 -1.07 7.95 21.20
CA ASN B 105 -0.70 6.61 21.66
C ASN B 105 0.75 6.38 21.34
N ASN B 106 1.62 6.61 22.33
CA ASN B 106 3.05 6.49 22.11
C ASN B 106 3.71 5.35 22.88
N VAL B 107 3.04 4.74 23.88
CA VAL B 107 3.58 3.58 24.58
CA VAL B 107 3.64 3.61 24.57
C VAL B 107 3.88 2.49 23.58
N GLY B 108 5.04 1.86 23.74
CA GLY B 108 5.47 0.75 22.92
C GLY B 108 6.96 0.55 23.08
N ALA B 109 7.42 -0.64 22.70
CA ALA B 109 8.83 -0.97 22.71
C ALA B 109 9.02 -2.34 22.06
N PRO B 110 10.10 -2.56 21.33
CA PRO B 110 10.33 -3.87 20.71
C PRO B 110 11.06 -4.83 21.63
N SER B 111 10.95 -6.12 21.30
CA SER B 111 11.71 -7.20 21.89
CA SER B 111 11.71 -7.20 21.89
C SER B 111 12.23 -8.09 20.77
N PRO B 112 13.45 -8.58 20.86
CA PRO B 112 14.03 -9.29 19.72
C PRO B 112 13.53 -10.71 19.55
N GLY B 113 13.46 -11.13 18.28
CA GLY B 113 13.26 -12.51 17.90
C GLY B 113 12.12 -12.73 16.92
N GLY B 114 12.30 -13.71 16.04
CA GLY B 114 11.23 -14.16 15.17
C GLY B 114 10.42 -15.24 15.88
N PRO B 115 9.57 -15.97 15.12
CA PRO B 115 8.63 -16.88 15.78
C PRO B 115 9.28 -18.03 16.55
N VAL B 116 10.45 -18.49 16.12
CA VAL B 116 11.12 -19.54 16.88
C VAL B 116 11.75 -18.99 18.15
N ALA B 117 12.51 -17.91 18.02
CA ALA B 117 13.29 -17.41 19.14
C ALA B 117 12.46 -16.67 20.18
N LEU B 118 11.42 -15.95 19.76
CA LEU B 118 10.65 -15.11 20.68
C LEU B 118 9.78 -15.99 21.57
N ASP B 119 9.99 -15.92 22.87
CA ASP B 119 9.20 -16.72 23.80
C ASP B 119 7.71 -16.33 23.71
N GLU B 120 6.85 -17.34 23.85
CA GLU B 120 5.41 -17.11 23.74
C GLU B 120 4.92 -16.06 24.74
N ALA B 121 5.48 -16.06 25.98
CA ALA B 121 5.07 -15.03 26.94
C ALA B 121 5.53 -13.65 26.50
N GLN B 122 6.70 -13.55 25.88
CA GLN B 122 7.16 -12.25 25.39
C GLN B 122 6.34 -11.78 24.20
N TRP B 123 5.93 -12.71 23.32
CA TRP B 123 5.00 -12.37 22.24
C TRP B 123 3.72 -11.75 22.81
N ALA B 124 3.17 -12.38 23.86
CA ALA B 124 1.95 -11.83 24.45
C ALA B 124 2.20 -10.44 25.03
N MET B 125 3.33 -10.27 25.70
CA MET B 125 3.66 -8.95 26.25
CA MET B 125 3.66 -8.95 26.25
C MET B 125 3.83 -7.91 25.15
N GLN B 126 4.40 -8.32 24.00
CA GLN B 126 4.60 -7.41 22.88
C GLN B 126 3.27 -6.96 22.28
N LEU B 127 2.32 -7.87 22.10
CA LEU B 127 1.00 -7.46 21.61
C LEU B 127 0.32 -6.54 22.62
N GLU B 128 0.46 -6.86 23.90
CA GLU B 128 -0.19 -6.05 24.92
C GLU B 128 0.38 -4.65 24.97
N LEU B 129 1.71 -4.53 24.98
CA LEU B 129 2.34 -3.23 25.15
C LEU B 129 2.18 -2.36 23.92
N ASN B 130 2.29 -2.94 22.73
CA ASN B 130 2.33 -2.14 21.53
C ASN B 130 0.98 -1.92 20.89
N LEU B 131 0.01 -2.79 21.19
CA LEU B 131 -1.27 -2.75 20.49
C LEU B 131 -2.46 -2.64 21.44
N THR B 132 -2.53 -3.50 22.47
CA THR B 132 -3.67 -3.43 23.37
C THR B 132 -3.73 -2.09 24.09
N THR B 133 -2.57 -1.50 24.42
CA THR B 133 -2.55 -0.18 25.04
C THR B 133 -3.31 0.83 24.19
N ALA B 134 -3.05 0.87 22.89
CA ALA B 134 -3.74 1.82 22.02
C ALA B 134 -5.23 1.50 21.93
N PHE B 135 -5.58 0.22 21.88
CA PHE B 135 -6.98 -0.18 21.88
C PHE B 135 -7.70 0.31 23.14
N LEU B 136 -7.09 0.12 24.33
CA LEU B 136 -7.73 0.55 25.57
C LEU B 136 -7.85 2.06 25.64
N MET B 137 -6.80 2.78 25.22
CA MET B 137 -6.92 4.24 25.21
C MET B 137 -8.05 4.70 24.32
N CYS B 138 -8.19 4.08 23.15
CA CYS B 138 -9.30 4.45 22.25
C CYS B 138 -10.64 4.10 22.88
N LYS B 139 -10.73 2.93 23.53
CA LYS B 139 -11.97 2.49 24.16
C LYS B 139 -12.52 3.56 25.10
N TYR B 140 -11.64 4.20 25.88
CA TYR B 140 -12.12 5.14 26.89
C TYR B 140 -12.08 6.59 26.44
N VAL B 141 -11.25 6.92 25.45
CA VAL B 141 -11.19 8.30 24.98
C VAL B 141 -12.23 8.58 23.90
N LEU B 142 -12.52 7.61 23.04
CA LEU B 142 -13.49 7.86 21.96
C LEU B 142 -14.84 8.37 22.46
N PRO B 143 -15.45 7.83 23.52
CA PRO B 143 -16.73 8.40 23.95
C PRO B 143 -16.62 9.86 24.35
N VAL B 144 -15.50 10.24 24.96
CA VAL B 144 -15.29 11.64 25.33
C VAL B 144 -15.21 12.50 24.08
N MET B 145 -14.44 12.07 23.08
CA MET B 145 -14.32 12.83 21.85
C MET B 145 -15.63 12.93 21.11
N GLU B 146 -16.39 11.81 21.07
CA GLU B 146 -17.69 11.85 20.42
C GLU B 146 -18.60 12.87 21.09
N GLN B 147 -18.67 12.83 22.43
CA GLN B 147 -19.61 13.68 23.15
C GLN B 147 -19.25 15.16 22.99
N GLN B 148 -17.97 15.48 22.95
CA GLN B 148 -17.54 16.88 22.96
C GLN B 148 -17.51 17.51 21.58
N GLY B 149 -17.80 16.76 20.52
CA GLY B 149 -17.84 17.30 19.18
C GLY B 149 -16.66 16.95 18.29
N GLY B 150 -15.75 16.13 18.77
CA GLY B 150 -14.66 15.69 17.92
C GLY B 150 -13.34 15.59 18.65
N GLY B 151 -12.30 15.18 17.93
CA GLY B 151 -10.99 15.05 18.51
C GLY B 151 -10.05 14.45 17.48
N ALA B 152 -8.79 14.32 17.88
CA ALA B 152 -7.77 13.76 17.00
C ALA B 152 -6.93 12.75 17.77
N ILE B 153 -6.75 11.57 17.18
CA ILE B 153 -5.93 10.52 17.73
C ILE B 153 -4.73 10.33 16.81
N VAL B 154 -3.53 10.26 17.40
CA VAL B 154 -2.30 10.01 16.66
C VAL B 154 -1.65 8.78 17.26
N ASN B 155 -1.50 7.72 16.49
CA ASN B 155 -0.78 6.54 16.92
C ASN B 155 0.68 6.66 16.49
N ILE B 156 1.61 6.35 17.39
CA ILE B 156 3.03 6.31 17.04
C ILE B 156 3.37 4.86 16.78
N ALA B 157 3.47 4.50 15.50
CA ALA B 157 3.72 3.12 15.08
C ALA B 157 5.22 2.93 14.83
N SER B 158 5.64 2.32 13.73
CA SER B 158 7.04 2.05 13.43
C SER B 158 7.11 1.52 12.01
N THR B 159 8.23 1.80 11.33
CA THR B 159 8.48 1.15 10.05
C THR B 159 8.52 -0.36 10.17
N SER B 160 8.74 -0.90 11.38
CA SER B 160 8.71 -2.35 11.54
CA SER B 160 8.71 -2.35 11.58
C SER B 160 7.33 -2.92 11.26
N GLY B 161 6.30 -2.07 11.25
CA GLY B 161 4.98 -2.52 10.85
C GLY B 161 4.74 -2.59 9.35
N ILE B 162 5.68 -2.09 8.54
CA ILE B 162 5.50 -2.10 7.09
C ILE B 162 6.67 -2.72 6.34
N ARG B 163 7.80 -2.94 7.01
CA ARG B 163 8.98 -3.48 6.36
C ARG B 163 9.79 -4.32 7.35
N TRP B 164 10.60 -5.23 6.81
CA TRP B 164 11.77 -5.71 7.54
C TRP B 164 12.85 -4.66 7.44
N THR B 165 13.30 -4.12 8.57
CA THR B 165 14.25 -3.02 8.58
C THR B 165 15.62 -3.42 9.11
N GLY B 166 15.84 -4.70 9.38
CA GLY B 166 17.15 -5.15 9.79
C GLY B 166 17.18 -6.27 10.81
N ALA B 167 16.21 -6.27 11.73
CA ALA B 167 16.24 -7.18 12.86
C ALA B 167 14.92 -7.91 13.01
N ALA B 168 15.00 -9.15 13.51
CA ALA B 168 13.80 -9.92 13.82
C ALA B 168 13.22 -9.43 15.13
N GLN B 169 11.90 -9.20 15.12
CA GLN B 169 11.16 -8.69 16.27
C GLN B 169 9.69 -8.86 15.92
N VAL B 170 9.26 -10.12 15.83
CA VAL B 170 8.01 -10.42 15.13
C VAL B 170 6.78 -9.94 15.89
N GLY B 171 6.81 -9.97 17.23
CA GLY B 171 5.71 -9.40 17.99
C GLY B 171 5.56 -7.91 17.77
N TYR B 172 6.70 -7.20 17.71
CA TYR B 172 6.66 -5.76 17.47
C TYR B 172 6.16 -5.45 16.07
N ALA B 173 6.66 -6.17 15.07
CA ALA B 173 6.24 -5.95 13.70
C ALA B 173 4.74 -6.20 13.55
N ALA B 174 4.26 -7.32 14.09
CA ALA B 174 2.84 -7.64 14.00
C ALA B 174 2.00 -6.63 14.75
N ALA B 175 2.42 -6.28 15.98
CA ALA B 175 1.64 -5.33 16.76
C ALA B 175 1.58 -3.97 16.09
N LYS B 176 2.70 -3.49 15.56
CA LYS B 176 2.72 -2.17 14.95
C LYS B 176 1.93 -2.14 13.65
N ALA B 177 1.95 -3.22 12.87
CA ALA B 177 1.05 -3.30 11.72
C ALA B 177 -0.40 -3.29 12.20
N GLY B 178 -0.69 -4.03 13.27
CA GLY B 178 -2.02 -3.98 13.83
C GLY B 178 -2.43 -2.59 14.28
N MET B 179 -1.48 -1.84 14.86
CA MET B 179 -1.77 -0.50 15.33
C MET B 179 -2.12 0.43 14.16
N ILE B 180 -1.38 0.32 13.06
CA ILE B 180 -1.65 1.15 11.89
C ILE B 180 -3.05 0.87 11.34
N GLN B 181 -3.40 -0.41 11.20
CA GLN B 181 -4.69 -0.76 10.65
C GLN B 181 -5.81 -0.44 11.62
N MET B 182 -5.58 -0.66 12.92
CA MET B 182 -6.58 -0.23 13.90
C MET B 182 -6.88 1.27 13.73
N GLY B 183 -5.84 2.07 13.57
CA GLY B 183 -6.08 3.49 13.33
C GLY B 183 -6.98 3.73 12.13
N ARG B 184 -6.73 3.02 11.02
CA ARG B 184 -7.52 3.24 9.82
C ARG B 184 -8.99 2.89 10.03
N VAL B 185 -9.25 1.75 10.68
CA VAL B 185 -10.64 1.33 10.82
C VAL B 185 -11.37 2.15 11.88
N VAL B 186 -10.67 2.62 12.92
CA VAL B 186 -11.29 3.54 13.87
C VAL B 186 -11.57 4.87 13.19
N ALA B 187 -10.63 5.33 12.34
CA ALA B 187 -10.86 6.56 11.58
C ALA B 187 -12.15 6.48 10.77
N VAL B 188 -12.36 5.38 10.04
CA VAL B 188 -13.57 5.29 9.23
C VAL B 188 -14.81 5.24 10.12
N GLU B 189 -14.76 4.46 11.21
CA GLU B 189 -15.95 4.30 12.04
C GLU B 189 -16.36 5.59 12.75
N TYR B 190 -15.38 6.41 13.14
CA TYR B 190 -15.68 7.59 13.97
C TYR B 190 -15.59 8.91 13.23
N ALA B 191 -15.32 8.88 11.92
CA ALA B 191 -15.21 10.11 11.15
C ALA B 191 -16.48 10.93 11.21
N ALA B 192 -17.64 10.28 11.18
CA ALA B 192 -18.89 11.03 11.20
C ALA B 192 -19.06 11.82 12.48
N LYS B 193 -18.36 11.41 13.54
CA LYS B 193 -18.35 12.12 14.82
C LYS B 193 -17.23 13.14 14.91
N ASN B 194 -16.56 13.44 13.79
CA ASN B 194 -15.50 14.43 13.76
C ASN B 194 -14.29 14.00 14.59
N VAL B 195 -14.04 12.70 14.66
CA VAL B 195 -12.83 12.16 15.29
C VAL B 195 -11.92 11.69 14.16
N ARG B 196 -10.70 12.23 14.12
CA ARG B 196 -9.70 11.81 13.14
C ARG B 196 -8.70 10.89 13.81
N VAL B 197 -8.18 9.93 13.04
CA VAL B 197 -7.18 8.98 13.55
C VAL B 197 -6.14 8.76 12.49
N ASN B 198 -4.88 8.99 12.82
CA ASN B 198 -3.77 8.81 11.88
C ASN B 198 -2.58 8.25 12.65
N SER B 199 -1.61 7.70 11.91
CA SER B 199 -0.39 7.18 12.52
C SER B 199 0.83 7.91 12.01
N VAL B 200 1.78 8.15 12.92
CA VAL B 200 3.17 8.44 12.53
C VAL B 200 3.88 7.10 12.46
N VAL B 201 4.70 6.92 11.42
CA VAL B 201 5.42 5.67 11.19
C VAL B 201 6.91 6.02 11.22
N PRO B 202 7.52 6.12 12.40
CA PRO B 202 8.94 6.50 12.48
C PRO B 202 9.82 5.34 12.06
N GLY B 203 10.93 5.69 11.39
CA GLY B 203 11.93 4.73 11.00
C GLY B 203 12.99 4.54 12.06
N LEU B 204 14.25 4.44 11.64
CA LEU B 204 15.36 4.22 12.55
C LEU B 204 15.78 5.60 13.05
N LEU B 205 15.55 5.85 14.33
CA LEU B 205 15.80 7.14 14.92
C LEU B 205 16.86 7.01 16.01
N HIS B 206 17.53 8.12 16.30
CA HIS B 206 18.38 8.24 17.48
C HIS B 206 17.50 8.63 18.65
N THR B 207 17.06 7.64 19.40
CA THR B 207 16.34 7.90 20.64
C THR B 207 17.10 7.26 21.80
N PRO B 208 16.85 7.74 23.02
CA PRO B 208 17.49 7.11 24.18
C PRO B 208 17.16 5.63 24.31
N MET B 209 15.92 5.25 23.99
CA MET B 209 15.55 3.84 24.01
C MET B 209 16.43 3.03 23.07
N VAL B 210 16.59 3.52 21.84
CA VAL B 210 17.49 2.87 20.87
C VAL B 210 18.91 2.83 21.39
N ASP B 211 19.37 3.93 22.01
CA ASP B 211 20.75 4.01 22.46
C ASP B 211 21.07 3.01 23.55
N THR B 212 20.07 2.57 24.31
CA THR B 212 20.32 1.70 25.45
C THR B 212 19.99 0.24 25.15
N LYS B 213 18.71 -0.07 24.98
CA LYS B 213 18.29 -1.45 24.73
C LYS B 213 17.56 -1.56 23.40
N LEU B 226 26.63 -0.54 14.53
CA LEU B 226 25.21 -0.61 14.86
C LEU B 226 24.51 0.64 14.37
N LEU B 227 24.95 1.79 14.87
CA LEU B 227 24.49 3.05 14.30
C LEU B 227 24.94 3.15 12.84
N ARG B 228 26.11 2.59 12.54
CA ARG B 228 26.63 2.57 11.17
C ARG B 228 25.75 1.75 10.26
N LYS B 229 25.39 0.53 10.68
CA LYS B 229 24.53 -0.30 9.86
C LYS B 229 23.17 0.34 9.67
N ARG B 230 22.63 0.94 10.73
CA ARG B 230 21.35 1.63 10.63
C ARG B 230 21.44 2.85 9.72
N GLN B 231 22.51 3.64 9.85
CA GLN B 231 22.65 4.81 9.00
C GLN B 231 22.77 4.45 7.53
N ALA B 232 23.40 3.32 7.21
CA ALA B 232 23.53 2.93 5.81
C ALA B 232 22.19 2.62 5.14
N ARG B 233 21.14 2.38 5.93
CA ARG B 233 19.81 2.11 5.39
C ARG B 233 19.03 3.37 5.07
N ILE B 234 19.54 4.53 5.47
CA ILE B 234 18.82 5.80 5.42
C ILE B 234 19.41 6.62 4.27
N PRO B 235 18.62 6.93 3.24
CA PRO B 235 19.14 7.76 2.14
C PRO B 235 19.61 9.14 2.58
N MET B 236 18.90 9.78 3.51
CA MET B 236 19.30 11.09 3.97
CA MET B 236 19.32 11.09 3.96
C MET B 236 20.60 10.99 4.78
N PRO B 237 21.42 12.04 4.78
CA PRO B 237 22.76 11.94 5.38
C PRO B 237 22.80 12.14 6.90
N PHE B 238 21.67 11.96 7.58
CA PHE B 238 21.64 12.02 9.04
C PHE B 238 20.55 11.09 9.53
N MET B 239 20.48 10.92 10.85
CA MET B 239 19.43 10.14 11.48
C MET B 239 18.59 11.07 12.35
N GLY B 240 17.28 10.96 12.21
CA GLY B 240 16.37 11.79 12.97
C GLY B 240 16.27 11.34 14.41
N ASP B 241 15.42 12.05 15.17
CA ASP B 241 15.18 11.71 16.57
CA ASP B 241 15.17 11.72 16.57
C ASP B 241 13.71 11.98 16.88
N GLY B 242 13.37 11.99 18.17
CA GLY B 242 11.98 12.17 18.56
C GLY B 242 11.38 13.49 18.09
N ARG B 243 12.21 14.50 17.87
CA ARG B 243 11.66 15.76 17.37
C ARG B 243 11.02 15.59 16.01
N ASP B 244 11.52 14.67 15.18
CA ASP B 244 10.91 14.42 13.89
C ASP B 244 9.56 13.74 14.04
N THR B 245 9.48 12.73 14.92
CA THR B 245 8.19 12.12 15.24
C THR B 245 7.22 13.17 15.75
N ALA B 246 7.70 14.04 16.66
CA ALA B 246 6.83 15.02 17.28
C ALA B 246 6.29 16.02 16.27
N ASN B 247 7.13 16.44 15.31
CA ASN B 247 6.64 17.40 14.32
C ASN B 247 5.58 16.79 13.40
N ALA B 248 5.73 15.51 13.05
CA ALA B 248 4.69 14.88 12.25
C ALA B 248 3.43 14.69 13.07
N ALA B 249 3.57 14.28 14.33
CA ALA B 249 2.40 14.13 15.21
C ALA B 249 1.70 15.48 15.41
N LEU B 250 2.47 16.56 15.50
CA LEU B 250 1.89 17.89 15.68
C LEU B 250 1.00 18.24 14.50
N PHE B 251 1.50 18.03 13.28
CA PHE B 251 0.65 18.26 12.10
C PHE B 251 -0.63 17.46 12.19
N LEU B 252 -0.51 16.16 12.46
CA LEU B 252 -1.69 15.30 12.43
C LEU B 252 -2.67 15.60 13.55
N ALA B 253 -2.19 16.12 14.68
CA ALA B 253 -3.08 16.45 15.79
C ALA B 253 -3.76 17.79 15.62
N SER B 254 -3.27 18.63 14.71
CA SER B 254 -3.69 20.01 14.60
C SER B 254 -4.88 20.17 13.66
N ASP B 255 -5.57 21.31 13.80
CA ASP B 255 -6.69 21.61 12.92
C ASP B 255 -6.26 21.84 11.48
N GLU B 256 -4.97 22.05 11.23
CA GLU B 256 -4.50 22.15 9.85
C GLU B 256 -4.62 20.83 9.12
N ALA B 257 -4.80 19.73 9.86
CA ALA B 257 -5.04 18.42 9.29
C ALA B 257 -6.51 18.00 9.37
N ARG B 258 -7.42 18.97 9.35
CA ARG B 258 -8.85 18.71 9.54
C ARG B 258 -9.43 17.72 8.55
N PHE B 259 -8.84 17.55 7.37
CA PHE B 259 -9.34 16.64 6.35
C PHE B 259 -8.43 15.43 6.17
N VAL B 260 -7.53 15.20 7.12
CA VAL B 260 -6.58 14.10 7.04
C VAL B 260 -6.99 13.07 8.08
N THR B 261 -7.39 11.89 7.63
CA THR B 261 -7.75 10.83 8.56
C THR B 261 -7.62 9.48 7.89
N GLY B 262 -7.36 8.47 8.71
CA GLY B 262 -7.20 7.11 8.23
C GLY B 262 -5.91 6.86 7.48
N THR B 263 -4.85 7.62 7.76
CA THR B 263 -3.64 7.49 6.97
C THR B 263 -2.42 7.64 7.87
N GLU B 264 -1.23 7.65 7.24
CA GLU B 264 0.05 7.66 7.95
C GLU B 264 0.98 8.72 7.39
N ILE B 265 1.92 9.15 8.23
CA ILE B 265 3.12 9.88 7.78
C ILE B 265 4.33 9.06 8.19
N VAL B 266 5.08 8.60 7.20
CA VAL B 266 6.32 7.86 7.42
C VAL B 266 7.45 8.85 7.61
N VAL B 267 8.21 8.68 8.70
CA VAL B 267 9.26 9.61 9.11
C VAL B 267 10.53 8.77 9.22
N ASP B 268 11.22 8.58 8.07
CA ASP B 268 12.25 7.56 8.03
C ASP B 268 13.44 7.91 7.15
N GLY B 269 13.59 9.16 6.72
CA GLY B 269 14.74 9.54 5.92
C GLY B 269 14.79 8.91 4.55
N GLY B 270 13.68 8.35 4.06
CA GLY B 270 13.64 7.70 2.75
C GLY B 270 13.85 6.20 2.76
N MET B 271 14.04 5.61 3.95
CA MET B 271 14.44 4.20 4.03
C MET B 271 13.42 3.26 3.39
N SER B 272 12.13 3.45 3.66
CA SER B 272 11.20 2.45 3.16
CA SER B 272 11.11 2.53 3.17
C SER B 272 10.93 2.57 1.67
N ALA B 273 11.38 3.64 1.02
CA ALA B 273 11.21 3.79 -0.42
C ALA B 273 12.25 3.01 -1.20
N ARG B 274 13.27 2.45 -0.56
CA ARG B 274 14.35 1.76 -1.24
C ARG B 274 14.45 0.31 -0.78
N CYS B 275 14.91 -0.54 -1.67
CA CYS B 275 15.21 -1.94 -1.35
C CYS B 275 16.48 -2.40 -2.06
N ASP B 276 17.38 -1.46 -2.35
CA ASP B 276 18.67 -1.80 -2.93
C ASP B 276 19.67 -2.29 -1.87
N ALA C 12 -6.42 -31.70 -20.11
CA ALA C 12 -6.90 -30.34 -20.20
C ALA C 12 -5.99 -29.37 -19.47
N GLY C 13 -5.37 -28.46 -20.22
CA GLY C 13 -4.51 -27.46 -19.63
C GLY C 13 -5.29 -26.37 -18.92
N ARG C 14 -4.55 -25.58 -18.14
CA ARG C 14 -5.17 -24.53 -17.35
C ARG C 14 -5.70 -23.37 -18.18
N LEU C 15 -5.32 -23.27 -19.45
CA LEU C 15 -5.82 -22.27 -20.38
C LEU C 15 -6.44 -22.93 -21.60
N GLN C 16 -6.99 -24.13 -21.43
CA GLN C 16 -7.41 -24.93 -22.58
C GLN C 16 -8.41 -24.18 -23.45
N GLY C 17 -8.11 -24.09 -24.74
CA GLY C 17 -8.99 -23.47 -25.69
C GLY C 17 -8.99 -21.95 -25.71
N LYS C 18 -8.19 -21.32 -24.87
CA LYS C 18 -8.14 -19.85 -24.84
C LYS C 18 -7.19 -19.32 -25.90
N VAL C 19 -7.47 -18.10 -26.36
CA VAL C 19 -6.59 -17.36 -27.27
C VAL C 19 -5.91 -16.28 -26.45
N ALA C 20 -4.57 -16.27 -26.45
CA ALA C 20 -3.79 -15.34 -25.65
C ALA C 20 -2.90 -14.51 -26.54
N LEU C 21 -3.07 -13.19 -26.48
CA LEU C 21 -2.25 -12.24 -27.23
CA LEU C 21 -2.26 -12.23 -27.22
C LEU C 21 -1.17 -11.70 -26.29
N VAL C 22 0.09 -11.92 -26.65
CA VAL C 22 1.23 -11.60 -25.80
C VAL C 22 2.15 -10.62 -26.52
N THR C 23 2.30 -9.41 -26.00
CA THR C 23 3.22 -8.47 -26.61
C THR C 23 4.64 -8.67 -26.08
N GLY C 24 5.61 -8.15 -26.82
CA GLY C 24 7.01 -8.33 -26.45
C GLY C 24 7.40 -9.79 -26.31
N ALA C 25 6.93 -10.63 -27.23
CA ALA C 25 7.13 -12.07 -27.12
C ALA C 25 8.49 -12.51 -27.62
N GLY C 26 9.26 -11.62 -28.29
CA GLY C 26 10.59 -11.96 -28.72
C GLY C 26 11.60 -11.69 -27.64
N CYS C 27 12.85 -12.04 -27.94
N CYS C 27 12.83 -12.11 -27.92
CA CYS C 27 13.93 -11.95 -26.97
CA CYS C 27 13.95 -11.89 -27.01
C CYS C 27 15.21 -11.62 -27.72
C CYS C 27 15.17 -11.49 -27.80
N ILE C 28 16.05 -10.75 -27.13
CA ILE C 28 17.28 -10.31 -27.77
C ILE C 28 18.35 -11.41 -27.79
N GLY C 29 18.15 -12.50 -27.06
CA GLY C 29 19.11 -13.57 -26.99
C GLY C 29 18.51 -14.82 -26.36
N PRO C 30 19.32 -15.86 -26.21
CA PRO C 30 18.82 -17.09 -25.60
C PRO C 30 18.56 -16.90 -24.12
N GLY C 31 17.61 -17.67 -23.60
CA GLY C 31 17.26 -17.64 -22.20
C GLY C 31 15.80 -17.29 -21.99
N TRP C 32 15.40 -17.30 -20.72
CA TRP C 32 13.99 -17.14 -20.37
C TRP C 32 13.68 -15.66 -20.10
N GLY C 33 13.51 -14.91 -21.19
CA GLY C 33 12.88 -13.62 -21.08
C GLY C 33 11.41 -13.73 -20.69
N ASN C 34 10.83 -12.64 -20.19
CA ASN C 34 9.44 -12.67 -19.75
C ASN C 34 8.49 -13.05 -20.87
N GLY C 35 8.59 -12.39 -22.02
CA GLY C 35 7.65 -12.65 -23.10
C GLY C 35 7.76 -14.06 -23.65
N ARG C 36 9.00 -14.53 -23.86
CA ARG C 36 9.23 -15.89 -24.32
C ARG C 36 8.68 -16.91 -23.32
N ALA C 37 8.96 -16.70 -22.03
CA ALA C 37 8.49 -17.65 -21.03
C ALA C 37 6.97 -17.66 -20.94
N ILE C 38 6.35 -16.49 -21.06
CA ILE C 38 4.88 -16.41 -21.06
C ILE C 38 4.31 -17.17 -22.26
N ALA C 39 4.86 -16.92 -23.45
CA ALA C 39 4.36 -17.61 -24.64
C ALA C 39 4.47 -19.12 -24.49
N VAL C 40 5.62 -19.60 -24.02
CA VAL C 40 5.83 -21.03 -23.86
C VAL C 40 4.89 -21.60 -22.79
N ARG C 41 4.82 -20.95 -21.63
CA ARG C 41 4.01 -21.51 -20.55
C ARG C 41 2.53 -21.52 -20.92
N PHE C 42 2.06 -20.45 -21.57
CA PHE C 42 0.65 -20.39 -21.92
C PHE C 42 0.30 -21.44 -22.96
N ALA C 43 1.18 -21.64 -23.95
CA ALA C 43 0.93 -22.68 -24.96
C ALA C 43 0.97 -24.08 -24.33
N GLU C 44 1.86 -24.29 -23.34
CA GLU C 44 1.89 -25.57 -22.64
C GLU C 44 0.56 -25.87 -21.96
N GLU C 45 -0.16 -24.83 -21.54
CA GLU C 45 -1.44 -24.99 -20.86
C GLU C 45 -2.62 -24.91 -21.81
N GLY C 46 -2.39 -25.04 -23.12
CA GLY C 46 -3.47 -25.21 -24.07
C GLY C 46 -3.97 -23.95 -24.74
N ALA C 47 -3.37 -22.80 -24.48
CA ALA C 47 -3.75 -21.58 -25.16
C ALA C 47 -3.16 -21.56 -26.56
N HIS C 48 -3.91 -21.01 -27.50
CA HIS C 48 -3.31 -20.57 -28.75
C HIS C 48 -2.72 -19.20 -28.51
N VAL C 49 -1.41 -19.06 -28.75
CA VAL C 49 -0.69 -17.83 -28.45
C VAL C 49 -0.51 -17.03 -29.74
N ILE C 50 -0.93 -15.77 -29.70
CA ILE C 50 -0.59 -14.79 -30.72
C ILE C 50 0.61 -14.04 -30.17
N ALA C 51 1.79 -14.34 -30.71
CA ALA C 51 3.06 -13.80 -30.20
C ALA C 51 3.43 -12.56 -31.02
N VAL C 52 3.51 -11.41 -30.36
CA VAL C 52 3.68 -10.14 -31.04
C VAL C 52 5.03 -9.54 -30.65
N ASP C 53 5.72 -8.98 -31.64
CA ASP C 53 6.96 -8.28 -31.37
C ASP C 53 7.20 -7.28 -32.49
N ARG C 54 7.99 -6.25 -32.19
CA ARG C 54 8.38 -5.32 -33.25
C ARG C 54 9.44 -5.91 -34.18
N ASP C 55 10.01 -7.07 -33.85
CA ASP C 55 11.00 -7.73 -34.70
C ASP C 55 10.62 -9.20 -34.82
N LEU C 56 10.43 -9.67 -36.05
CA LEU C 56 9.94 -11.04 -36.23
C LEU C 56 11.00 -12.06 -35.86
N ALA C 57 12.25 -11.80 -36.23
CA ALA C 57 13.32 -12.77 -36.02
C ALA C 57 13.52 -13.08 -34.54
N SER C 58 13.27 -12.11 -33.66
CA SER C 58 13.44 -12.30 -32.22
C SER C 58 12.47 -13.34 -31.66
N MET C 59 11.45 -13.73 -32.41
CA MET C 59 10.50 -14.73 -31.96
C MET C 59 10.78 -16.12 -32.52
N ASP C 60 11.73 -16.26 -33.43
CA ASP C 60 11.97 -17.56 -34.05
C ASP C 60 12.22 -18.64 -33.00
N ALA C 61 13.04 -18.32 -32.00
CA ALA C 61 13.33 -19.28 -30.94
C ALA C 61 12.10 -19.55 -30.08
N THR C 62 11.29 -18.52 -29.82
CA THR C 62 10.04 -18.72 -29.08
C THR C 62 9.12 -19.68 -29.83
N LEU C 63 8.98 -19.51 -31.15
CA LEU C 63 8.10 -20.40 -31.91
C LEU C 63 8.57 -21.84 -31.86
N GLU C 64 9.88 -22.06 -31.99
CA GLU C 64 10.42 -23.41 -31.94
C GLU C 64 10.14 -24.09 -30.61
N LEU C 65 10.30 -23.36 -29.50
CA LEU C 65 10.05 -23.95 -28.19
C LEU C 65 8.59 -24.37 -28.04
N VAL C 66 7.67 -23.51 -28.47
CA VAL C 66 6.25 -23.84 -28.40
C VAL C 66 5.92 -25.05 -29.26
N ARG C 67 6.37 -25.02 -30.51
CA ARG C 67 5.93 -26.04 -31.48
C ARG C 67 6.58 -27.40 -31.25
N ALA C 68 7.81 -27.44 -30.75
CA ALA C 68 8.42 -28.73 -30.45
C ALA C 68 7.65 -29.45 -29.36
N ALA C 69 6.98 -28.72 -28.47
CA ALA C 69 6.15 -29.28 -27.42
C ALA C 69 4.70 -29.50 -27.84
N GLY C 70 4.39 -29.31 -29.13
CA GLY C 70 3.04 -29.53 -29.59
C GLY C 70 2.07 -28.40 -29.33
N GLY C 71 2.56 -27.20 -29.02
CA GLY C 71 1.68 -26.09 -28.75
C GLY C 71 1.39 -25.28 -30.02
N SER C 72 0.49 -24.32 -29.88
CA SER C 72 -0.03 -23.53 -31.00
C SER C 72 0.35 -22.07 -30.81
N VAL C 73 1.06 -21.50 -31.79
CA VAL C 73 1.53 -20.11 -31.71
C VAL C 73 1.60 -19.54 -33.12
N THR C 74 1.24 -18.26 -33.24
CA THR C 74 1.34 -17.53 -34.51
C THR C 74 2.12 -16.25 -34.26
N PRO C 75 3.21 -16.00 -34.99
CA PRO C 75 3.96 -14.75 -34.82
C PRO C 75 3.29 -13.63 -35.60
N CYS C 76 3.32 -12.43 -35.00
CA CYS C 76 2.78 -11.23 -35.64
CA CYS C 76 2.79 -11.24 -35.65
C CYS C 76 3.74 -10.08 -35.42
N LEU C 77 4.13 -9.44 -36.52
CA LEU C 77 4.94 -8.23 -36.46
C LEU C 77 4.05 -7.03 -36.15
N CYS C 78 4.39 -6.28 -35.10
CA CYS C 78 3.59 -5.11 -34.80
C CYS C 78 4.43 -4.14 -33.99
N ASP C 79 4.28 -2.84 -34.29
CA ASP C 79 4.77 -1.78 -33.42
C ASP C 79 3.58 -1.33 -32.58
N VAL C 80 3.52 -1.80 -31.33
CA VAL C 80 2.36 -1.54 -30.48
C VAL C 80 2.39 -0.15 -29.86
N THR C 81 3.37 0.69 -30.22
CA THR C 81 3.26 2.11 -29.92
C THR C 81 2.40 2.85 -30.93
N ASP C 82 2.01 2.20 -32.03
CA ASP C 82 1.26 2.84 -33.11
C ASP C 82 -0.18 2.36 -33.06
N SER C 83 -1.12 3.28 -32.83
CA SER C 83 -2.49 2.86 -32.60
C SER C 83 -3.11 2.19 -33.82
N ALA C 84 -2.82 2.70 -35.03
CA ALA C 84 -3.36 2.05 -36.23
C ALA C 84 -2.86 0.61 -36.36
N SER C 85 -1.59 0.37 -36.02
CA SER C 85 -1.04 -0.97 -36.06
C SER C 85 -1.70 -1.87 -35.01
N VAL C 86 -1.90 -1.35 -33.80
CA VAL C 86 -2.58 -2.13 -32.76
C VAL C 86 -4.00 -2.49 -33.19
N GLU C 87 -4.74 -1.51 -33.70
CA GLU C 87 -6.10 -1.76 -34.18
C GLU C 87 -6.12 -2.87 -35.23
N ARG C 88 -5.18 -2.81 -36.17
CA ARG C 88 -5.07 -3.83 -37.20
C ARG C 88 -4.70 -5.20 -36.60
N LEU C 89 -3.79 -5.22 -35.63
CA LEU C 89 -3.41 -6.46 -34.97
C LEU C 89 -4.60 -7.12 -34.30
N VAL C 90 -5.39 -6.33 -33.56
CA VAL C 90 -6.53 -6.90 -32.85
C VAL C 90 -7.57 -7.38 -33.84
N ALA C 91 -7.84 -6.60 -34.89
CA ALA C 91 -8.81 -7.03 -35.89
C ALA C 91 -8.37 -8.33 -36.56
N ASP C 92 -7.09 -8.47 -36.86
CA ASP C 92 -6.59 -9.70 -37.48
C ASP C 92 -6.71 -10.88 -36.53
N SER C 93 -6.47 -10.63 -35.23
CA SER C 93 -6.57 -11.69 -34.24
C SER C 93 -8.00 -12.20 -34.13
N VAL C 94 -8.98 -11.29 -34.13
CA VAL C 94 -10.37 -11.69 -34.11
C VAL C 94 -10.75 -12.41 -35.41
N ALA C 95 -10.25 -11.91 -36.55
CA ALA C 95 -10.57 -12.54 -37.83
C ALA C 95 -10.05 -13.98 -37.88
N ARG C 96 -8.83 -14.21 -37.40
CA ARG C 96 -8.22 -15.53 -37.47
C ARG C 96 -8.63 -16.45 -36.34
N CYS C 97 -8.90 -15.91 -35.14
CA CYS C 97 -9.09 -16.75 -33.97
C CYS C 97 -10.47 -16.64 -33.34
N GLY C 98 -11.28 -15.67 -33.73
CA GLY C 98 -12.63 -15.52 -33.24
C GLY C 98 -12.75 -14.76 -31.94
N ARG C 99 -11.79 -14.97 -31.05
CA ARG C 99 -11.82 -14.37 -29.72
C ARG C 99 -10.41 -13.99 -29.34
N VAL C 100 -10.30 -13.00 -28.45
CA VAL C 100 -9.06 -12.74 -27.72
C VAL C 100 -9.41 -12.87 -26.25
N ASP C 101 -9.12 -14.04 -25.66
CA ASP C 101 -9.54 -14.29 -24.28
C ASP C 101 -8.62 -13.66 -23.27
N ILE C 102 -7.34 -13.57 -23.61
CA ILE C 102 -6.29 -13.14 -22.70
C ILE C 102 -5.40 -12.16 -23.45
N LEU C 103 -5.06 -11.05 -22.79
CA LEU C 103 -4.08 -10.09 -23.28
C LEU C 103 -2.99 -9.98 -22.23
N VAL C 104 -1.73 -10.16 -22.64
CA VAL C 104 -0.59 -9.94 -21.75
C VAL C 104 0.19 -8.75 -22.30
N ASN C 105 0.19 -7.65 -21.55
CA ASN C 105 0.96 -6.46 -21.91
C ASN C 105 2.36 -6.63 -21.33
N ASN C 106 3.28 -7.11 -22.16
CA ASN C 106 4.63 -7.40 -21.70
C ASN C 106 5.70 -6.51 -22.33
N VAL C 107 5.43 -5.88 -23.47
CA VAL C 107 6.44 -5.01 -24.07
C VAL C 107 6.79 -3.89 -23.10
N GLY C 108 8.09 -3.60 -23.03
CA GLY C 108 8.65 -2.60 -22.15
C GLY C 108 10.14 -2.81 -22.02
N ALA C 109 10.82 -1.75 -21.55
CA ALA C 109 12.27 -1.82 -21.32
C ALA C 109 12.72 -0.54 -20.62
N PRO C 110 13.70 -0.61 -19.73
CA PRO C 110 14.18 0.60 -19.05
C PRO C 110 15.29 1.32 -19.81
N SER C 111 15.40 2.61 -19.51
CA SER C 111 16.51 3.44 -19.96
CA SER C 111 16.52 3.43 -19.95
C SER C 111 17.08 4.17 -18.75
N PRO C 112 18.41 4.29 -18.63
CA PRO C 112 18.99 4.83 -17.40
C PRO C 112 18.86 6.34 -17.26
N GLY C 113 18.72 6.76 -16.01
CA GLY C 113 18.82 8.16 -15.64
C GLY C 113 17.65 8.68 -14.84
N GLY C 114 17.95 9.59 -13.91
CA GLY C 114 16.94 10.36 -13.21
C GLY C 114 16.56 11.59 -14.02
N PRO C 115 15.84 12.53 -13.41
CA PRO C 115 15.30 13.65 -14.19
C PRO C 115 16.34 14.54 -14.82
N VAL C 116 17.52 14.65 -14.22
CA VAL C 116 18.57 15.48 -14.83
C VAL C 116 19.21 14.75 -16.00
N ALA C 117 19.64 13.49 -15.78
CA ALA C 117 20.42 12.76 -16.78
C ALA C 117 19.56 12.25 -17.93
N LEU C 118 18.31 11.87 -17.68
CA LEU C 118 17.47 11.27 -18.70
C LEU C 118 17.04 12.35 -19.70
N ASP C 119 17.45 12.17 -20.95
CA ASP C 119 17.08 13.12 -21.98
C ASP C 119 15.56 13.18 -22.15
N GLU C 120 15.04 14.38 -22.44
CA GLU C 120 13.59 14.55 -22.57
C GLU C 120 13.02 13.66 -23.66
N ALA C 121 13.75 13.48 -24.77
CA ALA C 121 13.26 12.58 -25.82
C ALA C 121 13.21 11.13 -25.34
N GLN C 122 14.16 10.74 -24.50
CA GLN C 122 14.14 9.38 -23.96
C GLN C 122 13.03 9.19 -22.94
N TRP C 123 12.76 10.23 -22.13
CA TRP C 123 11.61 10.20 -21.23
C TRP C 123 10.34 9.94 -22.02
N ALA C 124 10.15 10.66 -23.13
CA ALA C 124 8.96 10.44 -23.94
C ALA C 124 8.91 9.02 -24.49
N MET C 125 10.05 8.52 -24.97
CA MET C 125 10.10 7.14 -25.47
CA MET C 125 10.11 7.15 -25.47
C MET C 125 9.80 6.15 -24.36
N GLN C 126 10.23 6.44 -23.13
CA GLN C 126 10.01 5.52 -22.02
C GLN C 126 8.55 5.44 -21.64
N LEU C 127 7.87 6.59 -21.60
CA LEU C 127 6.43 6.56 -21.33
C LEU C 127 5.69 5.84 -22.46
N GLU C 128 6.09 6.08 -23.71
CA GLU C 128 5.40 5.46 -24.84
C GLU C 128 5.57 3.95 -24.82
N LEU C 129 6.80 3.46 -24.64
CA LEU C 129 7.09 2.03 -24.73
C LEU C 129 6.49 1.26 -23.56
N ASN C 130 6.56 1.82 -22.36
CA ASN C 130 6.22 1.08 -21.17
C ASN C 130 4.79 1.28 -20.73
N LEU C 131 4.14 2.35 -21.16
CA LEU C 131 2.80 2.67 -20.66
C LEU C 131 1.81 2.86 -21.80
N THR C 132 2.14 3.68 -22.79
CA THR C 132 1.17 3.92 -23.86
C THR C 132 0.85 2.63 -24.61
N THR C 133 1.85 1.75 -24.77
CA THR C 133 1.60 0.46 -25.41
C THR C 133 0.46 -0.29 -24.72
N ALA C 134 0.49 -0.36 -23.39
CA ALA C 134 -0.55 -1.09 -22.67
C ALA C 134 -1.89 -0.38 -22.80
N PHE C 135 -1.88 0.96 -22.78
CA PHE C 135 -3.10 1.73 -23.00
C PHE C 135 -3.72 1.42 -24.36
N LEU C 136 -2.91 1.42 -25.43
CA LEU C 136 -3.43 1.16 -26.77
C LEU C 136 -3.94 -0.28 -26.90
N MET C 137 -3.20 -1.26 -26.36
CA MET C 137 -3.70 -2.63 -26.42
C MET C 137 -5.05 -2.74 -25.72
N CYS C 138 -5.17 -2.10 -24.56
CA CYS C 138 -6.47 -2.15 -23.86
C CYS C 138 -7.55 -1.44 -24.66
N LYS C 139 -7.23 -0.30 -25.28
CA LYS C 139 -8.20 0.44 -26.07
C LYS C 139 -8.88 -0.46 -27.10
N TYR C 140 -8.11 -1.32 -27.76
CA TYR C 140 -8.64 -2.10 -28.86
C TYR C 140 -9.05 -3.51 -28.45
N VAL C 141 -8.51 -4.05 -27.36
CA VAL C 141 -8.90 -5.38 -26.92
C VAL C 141 -10.14 -5.35 -26.03
N LEU C 142 -10.29 -4.31 -25.21
CA LEU C 142 -11.45 -4.25 -24.32
C LEU C 142 -12.78 -4.39 -25.03
N PRO C 143 -13.03 -3.74 -26.17
CA PRO C 143 -14.33 -3.96 -26.84
C PRO C 143 -14.53 -5.40 -27.27
N VAL C 144 -13.46 -6.08 -27.67
CA VAL C 144 -13.57 -7.49 -28.05
C VAL C 144 -13.95 -8.33 -26.83
N MET C 145 -13.25 -8.11 -25.71
CA MET C 145 -13.56 -8.88 -24.50
C MET C 145 -14.96 -8.60 -24.00
N GLU C 146 -15.40 -7.33 -24.03
CA GLU C 146 -16.76 -7.01 -23.63
C GLU C 146 -17.77 -7.75 -24.48
N GLN C 147 -17.60 -7.70 -25.80
CA GLN C 147 -18.59 -8.30 -26.71
C GLN C 147 -18.66 -9.81 -26.55
N GLN C 148 -17.52 -10.45 -26.29
CA GLN C 148 -17.46 -11.92 -26.27
C GLN C 148 -17.85 -12.50 -24.92
N GLY C 149 -18.11 -11.68 -23.91
CA GLY C 149 -18.54 -12.15 -22.61
C GLY C 149 -17.49 -12.13 -21.53
N GLY C 150 -16.30 -11.58 -21.80
CA GLY C 150 -15.30 -11.45 -20.78
C GLY C 150 -13.90 -11.73 -21.28
N GLY C 151 -12.93 -11.59 -20.40
CA GLY C 151 -11.54 -11.83 -20.73
C GLY C 151 -10.66 -11.47 -19.55
N ALA C 152 -9.37 -11.71 -19.73
CA ALA C 152 -8.40 -11.43 -18.67
C ALA C 152 -7.21 -10.70 -19.27
N ILE C 153 -6.81 -9.61 -18.63
CA ILE C 153 -5.64 -8.82 -19.01
C ILE C 153 -4.62 -8.94 -17.90
N VAL C 154 -3.37 -9.20 -18.26
CA VAL C 154 -2.25 -9.27 -17.33
C VAL C 154 -1.21 -8.27 -17.81
N ASN C 155 -0.91 -7.27 -16.98
CA ASN C 155 0.16 -6.33 -17.27
C ASN C 155 1.44 -6.82 -16.62
N ILE C 156 2.55 -6.80 -17.34
CA ILE C 156 3.84 -7.14 -16.76
C ILE C 156 4.52 -5.82 -16.42
N ALA C 157 4.52 -5.47 -15.13
CA ALA C 157 5.08 -4.21 -14.67
C ALA C 157 6.51 -4.44 -14.18
N SER C 158 6.90 -3.95 -13.01
CA SER C 158 8.26 -4.06 -12.48
C SER C 158 8.24 -3.54 -11.05
N THR C 159 9.11 -4.09 -10.21
CA THR C 159 9.34 -3.50 -8.89
C THR C 159 9.84 -2.07 -8.99
N SER C 160 10.40 -1.67 -10.12
CA SER C 160 10.78 -0.27 -10.28
CA SER C 160 10.79 -0.27 -10.29
C SER C 160 9.60 0.67 -10.19
N GLY C 161 8.38 0.15 -10.38
CA GLY C 161 7.18 0.95 -10.20
C GLY C 161 6.73 1.12 -8.76
N ILE C 162 7.36 0.43 -7.81
CA ILE C 162 6.97 0.50 -6.40
C ILE C 162 8.10 0.84 -5.45
N ARG C 163 9.36 0.76 -5.93
CA ARG C 163 10.52 0.99 -5.07
C ARG C 163 11.66 1.54 -5.92
N TRP C 164 12.62 2.18 -5.25
CA TRP C 164 13.97 2.31 -5.79
C TRP C 164 14.68 0.98 -5.56
N THR C 165 15.12 0.33 -6.64
CA THR C 165 15.71 -0.99 -6.53
C THR C 165 17.19 -1.01 -6.82
N GLY C 166 17.82 0.15 -7.00
CA GLY C 166 19.25 0.20 -7.17
C GLY C 166 19.73 1.23 -8.17
N ALA C 167 18.97 1.48 -9.22
CA ALA C 167 19.45 2.35 -10.29
C ALA C 167 18.41 3.41 -10.65
N ALA C 168 18.90 4.55 -11.10
CA ALA C 168 18.02 5.61 -11.57
C ALA C 168 17.53 5.26 -12.97
N GLN C 169 16.23 5.38 -13.18
CA GLN C 169 15.57 5.08 -14.44
C GLN C 169 14.17 5.65 -14.33
N VAL C 170 14.06 6.98 -14.32
CA VAL C 170 12.86 7.61 -13.81
C VAL C 170 11.67 7.46 -14.75
N GLY C 171 11.89 7.46 -16.06
CA GLY C 171 10.79 7.20 -16.97
C GLY C 171 10.23 5.79 -16.82
N TYR C 172 11.10 4.80 -16.60
CA TYR C 172 10.64 3.44 -16.40
C TYR C 172 9.88 3.31 -15.09
N ALA C 173 10.41 3.89 -14.02
CA ALA C 173 9.74 3.84 -12.73
C ALA C 173 8.37 4.49 -12.81
N ALA C 174 8.29 5.69 -13.38
CA ALA C 174 7.01 6.37 -13.48
C ALA C 174 6.05 5.61 -14.39
N ALA C 175 6.52 5.14 -15.55
CA ALA C 175 5.64 4.42 -16.48
C ALA C 175 5.13 3.13 -15.85
N LYS C 176 6.00 2.39 -15.15
CA LYS C 176 5.56 1.12 -14.59
C LYS C 176 4.58 1.32 -13.44
N ALA C 177 4.78 2.38 -12.64
CA ALA C 177 3.76 2.71 -11.63
C ALA C 177 2.44 3.07 -12.32
N GLY C 178 2.53 3.84 -13.41
CA GLY C 178 1.33 4.18 -14.17
C GLY C 178 0.65 2.93 -14.71
N MET C 179 1.45 1.95 -15.13
CA MET C 179 0.89 0.71 -15.68
C MET C 179 0.12 -0.06 -14.62
N ILE C 180 0.69 -0.16 -13.41
CA ILE C 180 0.02 -0.85 -12.31
C ILE C 180 -1.31 -0.18 -12.00
N GLN C 181 -1.30 1.15 -11.90
CA GLN C 181 -2.54 1.86 -11.56
C GLN C 181 -3.54 1.81 -12.70
N MET C 182 -3.07 1.92 -13.94
CA MET C 182 -3.98 1.74 -15.06
C MET C 182 -4.71 0.41 -14.98
N GLY C 183 -3.97 -0.65 -14.64
CA GLY C 183 -4.59 -1.94 -14.46
C GLY C 183 -5.70 -1.90 -13.43
N ARG C 184 -5.48 -1.23 -12.30
CA ARG C 184 -6.48 -1.21 -11.24
C ARG C 184 -7.75 -0.49 -11.69
N VAL C 185 -7.60 0.65 -12.35
CA VAL C 185 -8.77 1.45 -12.70
C VAL C 185 -9.51 0.83 -13.88
N VAL C 186 -8.79 0.19 -14.80
CA VAL C 186 -9.48 -0.56 -15.86
C VAL C 186 -10.21 -1.75 -15.28
N ALA C 187 -9.61 -2.42 -14.30
CA ALA C 187 -10.27 -3.54 -13.63
C ALA C 187 -11.61 -3.11 -13.05
N VAL C 188 -11.64 -1.98 -12.34
CA VAL C 188 -12.90 -1.57 -11.72
C VAL C 188 -13.91 -1.19 -12.79
N GLU C 189 -13.46 -0.48 -13.84
CA GLU C 189 -14.38 0.00 -14.86
C GLU C 189 -15.01 -1.15 -15.63
N TYR C 190 -14.26 -2.23 -15.88
CA TYR C 190 -14.72 -3.30 -16.76
C TYR C 190 -15.12 -4.58 -16.04
N ALA C 191 -15.08 -4.58 -14.70
CA ALA C 191 -15.44 -5.77 -13.95
C ALA C 191 -16.86 -6.23 -14.25
N ALA C 192 -17.79 -5.30 -14.42
CA ALA C 192 -19.18 -5.68 -14.69
C ALA C 192 -19.34 -6.39 -16.01
N LYS C 193 -18.40 -6.22 -16.93
CA LYS C 193 -18.37 -6.92 -18.22
C LYS C 193 -17.55 -8.20 -18.14
N ASN C 194 -17.19 -8.65 -16.95
CA ASN C 194 -16.45 -9.89 -16.76
C ASN C 194 -15.05 -9.83 -17.38
N VAL C 195 -14.44 -8.65 -17.39
CA VAL C 195 -13.06 -8.48 -17.78
C VAL C 195 -12.25 -8.25 -16.51
N ARG C 196 -11.25 -9.09 -16.27
CA ARG C 196 -10.35 -8.95 -15.13
C ARG C 196 -9.04 -8.36 -15.61
N VAL C 197 -8.41 -7.55 -14.75
CA VAL C 197 -7.13 -6.93 -15.08
C VAL C 197 -6.25 -6.97 -13.83
N ASN C 198 -5.05 -7.53 -13.97
CA ASN C 198 -4.12 -7.62 -12.86
C ASN C 198 -2.71 -7.40 -13.40
N SER C 199 -1.76 -7.13 -12.50
CA SER C 199 -0.37 -6.97 -12.89
C SER C 199 0.52 -8.00 -12.21
N VAL C 200 1.49 -8.50 -12.95
CA VAL C 200 2.66 -9.14 -12.34
C VAL C 200 3.71 -8.06 -12.14
N VAL C 201 4.34 -8.06 -10.99
CA VAL C 201 5.35 -7.05 -10.64
C VAL C 201 6.67 -7.79 -10.44
N PRO C 202 7.41 -8.09 -11.50
CA PRO C 202 8.65 -8.84 -11.35
C PRO C 202 9.76 -7.96 -10.80
N GLY C 203 10.60 -8.56 -9.97
CA GLY C 203 11.77 -7.90 -9.42
C GLY C 203 12.98 -8.05 -10.29
N LEU C 204 14.12 -8.31 -9.67
CA LEU C 204 15.38 -8.45 -10.38
C LEU C 204 15.49 -9.89 -10.87
N LEU C 205 15.37 -10.09 -12.18
CA LEU C 205 15.37 -11.43 -12.77
C LEU C 205 16.57 -11.55 -13.67
N HIS C 206 17.00 -12.78 -13.87
CA HIS C 206 18.03 -13.07 -14.87
C HIS C 206 17.32 -13.36 -16.18
N THR C 207 17.19 -12.34 -17.03
CA THR C 207 16.62 -12.44 -18.36
C THR C 207 17.67 -12.05 -19.39
N PRO C 208 17.48 -12.43 -20.66
CA PRO C 208 18.45 -12.02 -21.69
C PRO C 208 18.63 -10.52 -21.83
N MET C 209 17.59 -9.72 -21.58
CA MET C 209 17.74 -8.27 -21.62
C MET C 209 18.66 -7.79 -20.50
N VAL C 210 18.50 -8.35 -19.30
CA VAL C 210 19.41 -8.07 -18.19
C VAL C 210 20.86 -8.34 -18.59
N ASP C 211 21.09 -9.42 -19.33
CA ASP C 211 22.44 -9.77 -19.80
C ASP C 211 22.94 -8.79 -20.92
N THR C 212 22.19 -7.72 -21.18
CA THR C 212 22.52 -6.76 -22.23
C THR C 212 22.66 -7.42 -23.60
N LEU C 226 28.25 -8.22 -10.55
CA LEU C 226 27.02 -7.47 -10.79
C LEU C 226 25.81 -8.29 -10.36
N LEU C 227 25.74 -9.52 -10.87
CA LEU C 227 24.67 -10.42 -10.44
C LEU C 227 24.72 -10.64 -8.94
N ARG C 228 25.93 -10.72 -8.37
CA ARG C 228 26.05 -10.79 -6.91
C ARG C 228 25.52 -9.53 -6.25
N LYS C 229 25.67 -8.37 -6.90
CA LYS C 229 25.14 -7.14 -6.33
C LYS C 229 23.61 -7.13 -6.34
N ARG C 230 23.00 -7.58 -7.44
CA ARG C 230 21.55 -7.71 -7.48
C ARG C 230 21.08 -8.77 -6.51
N GLN C 231 21.80 -9.90 -6.46
CA GLN C 231 21.44 -10.99 -5.55
C GLN C 231 21.44 -10.55 -4.10
N ALA C 232 22.34 -9.63 -3.73
CA ALA C 232 22.42 -9.17 -2.34
C ALA C 232 21.14 -8.47 -1.90
N ARG C 233 20.31 -8.01 -2.85
CA ARG C 233 19.05 -7.37 -2.53
C ARG C 233 17.91 -8.36 -2.37
N ILE C 234 18.14 -9.62 -2.71
CA ILE C 234 17.09 -10.62 -2.81
C ILE C 234 17.21 -11.56 -1.61
N PRO C 235 16.21 -11.62 -0.73
CA PRO C 235 16.31 -12.57 0.40
C PRO C 235 16.39 -14.03 -0.01
N MET C 236 15.61 -14.44 -1.00
CA MET C 236 15.67 -15.82 -1.46
CA MET C 236 15.69 -15.83 -1.43
C MET C 236 17.06 -16.10 -2.04
N PRO C 237 17.58 -17.31 -1.85
CA PRO C 237 18.97 -17.60 -2.25
C PRO C 237 19.20 -17.91 -3.73
N PHE C 238 18.34 -17.43 -4.61
CA PHE C 238 18.55 -17.57 -6.04
C PHE C 238 17.92 -16.36 -6.74
N MET C 239 18.10 -16.27 -8.06
CA MET C 239 17.47 -15.23 -8.85
C MET C 239 16.53 -15.89 -9.85
N GLY C 240 15.30 -15.41 -9.91
CA GLY C 240 14.31 -15.96 -10.81
C GLY C 240 14.60 -15.54 -12.25
N ASP C 241 13.76 -16.03 -13.15
CA ASP C 241 13.85 -15.69 -14.58
C ASP C 241 12.43 -15.50 -15.12
N GLY C 242 12.32 -15.42 -16.45
CA GLY C 242 11.01 -15.20 -17.03
C GLY C 242 9.99 -16.27 -16.70
N ARG C 243 10.44 -17.49 -16.38
CA ARG C 243 9.49 -18.53 -16.02
C ARG C 243 8.71 -18.17 -14.76
N ASP C 244 9.33 -17.43 -13.84
CA ASP C 244 8.65 -17.01 -12.63
C ASP C 244 7.58 -15.98 -12.94
N THR C 245 7.91 -15.00 -13.79
CA THR C 245 6.89 -14.08 -14.28
C THR C 245 5.76 -14.84 -14.97
N ALA C 246 6.13 -15.81 -15.82
CA ALA C 246 5.13 -16.53 -16.60
C ALA C 246 4.18 -17.33 -15.72
N ASN C 247 4.70 -17.94 -14.65
CA ASN C 247 3.83 -18.72 -13.78
C ASN C 247 2.84 -17.84 -13.02
N ALA C 248 3.27 -16.65 -12.61
CA ALA C 248 2.32 -15.74 -11.97
C ALA C 248 1.30 -15.22 -12.98
N ALA C 249 1.76 -14.90 -14.20
CA ALA C 249 0.83 -14.47 -15.25
C ALA C 249 -0.17 -15.57 -15.60
N LEU C 250 0.29 -16.83 -15.59
CA LEU C 250 -0.59 -17.97 -15.87
C LEU C 250 -1.72 -18.06 -14.86
N PHE C 251 -1.38 -17.97 -13.58
CA PHE C 251 -2.45 -17.95 -12.58
C PHE C 251 -3.45 -16.82 -12.86
N LEU C 252 -2.95 -15.60 -13.04
CA LEU C 252 -3.84 -14.45 -13.18
C LEU C 252 -4.66 -14.52 -14.47
N ALA C 253 -4.15 -15.16 -15.52
CA ALA C 253 -4.88 -15.26 -16.78
C ALA C 253 -5.93 -16.37 -16.76
N SER C 254 -5.84 -17.27 -15.79
CA SER C 254 -6.64 -18.49 -15.79
C SER C 254 -7.94 -18.30 -15.03
N ASP C 255 -8.88 -19.21 -15.31
CA ASP C 255 -10.16 -19.20 -14.63
C ASP C 255 -10.04 -19.52 -13.14
N GLU C 256 -8.89 -20.08 -12.70
CA GLU C 256 -8.67 -20.26 -11.27
C GLU C 256 -8.55 -18.94 -10.53
N ALA C 257 -8.34 -17.84 -11.26
CA ALA C 257 -8.30 -16.48 -10.71
C ALA C 257 -9.57 -15.71 -11.03
N ARG C 258 -10.71 -16.41 -11.19
CA ARG C 258 -11.97 -15.78 -11.61
C ARG C 258 -12.42 -14.64 -10.70
N PHE C 259 -11.99 -14.60 -9.44
CA PHE C 259 -12.40 -13.56 -8.49
C PHE C 259 -11.24 -12.64 -8.13
N VAL C 260 -10.17 -12.67 -8.91
CA VAL C 260 -8.98 -11.85 -8.65
C VAL C 260 -8.94 -10.78 -9.71
N THR C 261 -9.08 -9.52 -9.30
CA THR C 261 -8.98 -8.43 -10.25
C THR C 261 -8.59 -7.16 -9.53
N GLY C 262 -7.95 -6.26 -10.26
CA GLY C 262 -7.52 -4.99 -9.70
C GLY C 262 -6.34 -5.07 -8.78
N THR C 263 -5.50 -6.10 -8.91
CA THR C 263 -4.44 -6.30 -7.93
C THR C 263 -3.18 -6.79 -8.63
N GLU C 264 -2.17 -7.13 -7.82
CA GLU C 264 -0.85 -7.48 -8.30
C GLU C 264 -0.33 -8.73 -7.62
N ILE C 265 0.59 -9.41 -8.31
CA ILE C 265 1.46 -10.42 -7.70
C ILE C 265 2.89 -9.97 -7.89
N VAL C 266 3.57 -9.71 -6.77
CA VAL C 266 4.97 -9.32 -6.78
C VAL C 266 5.82 -10.59 -6.82
N VAL C 267 6.75 -10.63 -7.78
CA VAL C 267 7.59 -11.81 -8.02
C VAL C 267 9.04 -11.34 -7.91
N ASP C 268 9.57 -11.29 -6.69
CA ASP C 268 10.83 -10.59 -6.47
C ASP C 268 11.70 -11.25 -5.41
N GLY C 269 11.42 -12.48 -4.98
CA GLY C 269 12.27 -13.14 -4.01
C GLY C 269 12.27 -12.51 -2.64
N GLY C 270 11.29 -11.65 -2.33
CA GLY C 270 11.21 -10.97 -1.05
C GLY C 270 11.83 -9.59 -0.99
N MET C 271 12.37 -9.10 -2.11
CA MET C 271 13.16 -7.88 -2.10
C MET C 271 12.37 -6.68 -1.60
N SER C 272 11.15 -6.49 -2.08
CA SER C 272 10.46 -5.26 -1.72
CA SER C 272 10.38 -5.29 -1.75
C SER C 272 9.94 -5.26 -0.29
N ALA C 273 9.97 -6.40 0.39
CA ALA C 273 9.57 -6.48 1.79
C ALA C 273 10.64 -6.01 2.75
N ARG C 274 11.86 -5.77 2.28
CA ARG C 274 12.97 -5.38 3.13
C ARG C 274 13.54 -4.04 2.69
N CYS C 275 14.12 -3.35 3.66
CA CYS C 275 14.85 -2.11 3.42
C CYS C 275 16.09 -2.03 4.30
N ASP C 276 16.61 -3.20 4.69
CA ASP C 276 17.84 -3.22 5.46
C ASP C 276 19.07 -3.11 4.56
N ALA D 12 8.69 34.71 13.07
CA ALA D 12 9.30 33.85 12.07
C ALA D 12 8.33 32.77 11.60
N GLY D 13 7.97 32.82 10.33
CA GLY D 13 7.10 31.83 9.77
C GLY D 13 7.80 30.49 9.53
N ARG D 14 6.99 29.48 9.26
CA ARG D 14 7.54 28.14 9.08
C ARG D 14 8.36 27.97 7.81
N LEU D 15 8.26 28.91 6.86
CA LEU D 15 9.07 28.91 5.66
C LEU D 15 9.86 30.20 5.54
N GLN D 16 10.23 30.80 6.68
CA GLN D 16 10.80 32.14 6.67
C GLN D 16 12.05 32.20 5.78
N GLY D 17 12.04 33.14 4.85
CA GLY D 17 13.19 33.38 3.99
C GLY D 17 13.36 32.41 2.84
N LYS D 18 12.47 31.43 2.70
CA LYS D 18 12.60 30.47 1.61
C LYS D 18 11.96 31.02 0.34
N VAL D 19 12.47 30.56 -0.80
CA VAL D 19 11.89 30.86 -2.11
C VAL D 19 11.20 29.60 -2.59
N ALA D 20 9.90 29.71 -2.90
CA ALA D 20 9.09 28.57 -3.31
C ALA D 20 8.51 28.83 -4.68
N LEU D 21 8.77 27.92 -5.63
CA LEU D 21 8.21 28.00 -6.97
C LEU D 21 7.03 27.04 -7.05
N VAL D 22 5.85 27.58 -7.39
CA VAL D 22 4.58 26.84 -7.34
C VAL D 22 3.94 26.89 -8.73
N THR D 23 3.78 25.73 -9.37
CA THR D 23 3.11 25.70 -10.67
C THR D 23 1.59 25.58 -10.52
N GLY D 24 0.88 25.91 -11.59
CA GLY D 24 -0.58 25.90 -11.53
C GLY D 24 -1.15 26.79 -10.43
N ALA D 25 -0.59 27.99 -10.28
CA ALA D 25 -0.94 28.86 -9.17
C ALA D 25 -2.19 29.71 -9.41
N GLY D 26 -2.71 29.74 -10.67
CA GLY D 26 -3.96 30.40 -10.96
C GLY D 26 -5.17 29.47 -10.91
N CYS D 27 -6.36 30.07 -11.03
CA CYS D 27 -7.60 29.32 -11.11
C CYS D 27 -8.55 29.98 -12.11
N ILE D 28 -9.46 29.17 -12.68
CA ILE D 28 -10.44 29.69 -13.62
C ILE D 28 -11.46 30.60 -12.98
N GLY D 29 -11.51 30.65 -11.65
CA GLY D 29 -12.49 31.44 -10.97
C GLY D 29 -12.13 31.56 -9.49
N PRO D 30 -12.98 32.24 -8.72
CA PRO D 30 -12.70 32.40 -7.30
C PRO D 30 -12.83 31.09 -6.53
N GLY D 31 -12.11 31.01 -5.42
CA GLY D 31 -12.12 29.86 -4.55
C GLY D 31 -10.73 29.29 -4.34
N TRP D 32 -10.68 28.30 -3.44
CA TRP D 32 -9.40 27.73 -2.99
C TRP D 32 -9.00 26.56 -3.87
N GLY D 33 -8.45 26.89 -5.04
CA GLY D 33 -7.72 25.89 -5.78
C GLY D 33 -6.46 25.50 -5.06
N ASN D 34 -5.91 24.34 -5.43
CA ASN D 34 -4.70 23.86 -4.75
C ASN D 34 -3.53 24.83 -4.90
N GLY D 35 -3.24 25.25 -6.14
CA GLY D 35 -2.09 26.11 -6.36
C GLY D 35 -2.23 27.45 -5.66
N ARG D 36 -3.42 28.06 -5.79
CA ARG D 36 -3.69 29.33 -5.13
C ARG D 36 -3.55 29.21 -3.61
N ALA D 37 -4.14 28.15 -3.04
CA ALA D 37 -4.05 27.98 -1.58
C ALA D 37 -2.61 27.76 -1.15
N ILE D 38 -1.84 26.99 -1.92
CA ILE D 38 -0.43 26.79 -1.59
C ILE D 38 0.33 28.12 -1.64
N ALA D 39 0.11 28.90 -2.70
CA ALA D 39 0.81 30.18 -2.80
C ALA D 39 0.49 31.06 -1.61
N VAL D 40 -0.78 31.17 -1.23
CA VAL D 40 -1.16 32.03 -0.12
C VAL D 40 -0.59 31.49 1.20
N ARG D 41 -0.76 30.19 1.46
CA ARG D 41 -0.32 29.65 2.73
C ARG D 41 1.20 29.75 2.87
N PHE D 42 1.93 29.49 1.78
CA PHE D 42 3.38 29.56 1.85
C PHE D 42 3.84 31.00 2.08
N ALA D 43 3.18 31.96 1.43
CA ALA D 43 3.53 33.36 1.65
C ALA D 43 3.23 33.79 3.07
N GLU D 44 2.14 33.28 3.64
CA GLU D 44 1.81 33.59 5.04
C GLU D 44 2.91 33.12 5.99
N GLU D 45 3.63 32.07 5.62
CA GLU D 45 4.68 31.51 6.45
C GLU D 45 6.05 32.05 6.07
N GLY D 46 6.10 33.13 5.30
CA GLY D 46 7.33 33.86 5.11
C GLY D 46 8.12 33.50 3.87
N ALA D 47 7.61 32.61 3.03
CA ALA D 47 8.27 32.30 1.77
C ALA D 47 8.00 33.39 0.75
N HIS D 48 9.00 33.65 -0.09
CA HIS D 48 8.73 34.37 -1.33
C HIS D 48 8.25 33.36 -2.36
N VAL D 49 7.07 33.59 -2.92
CA VAL D 49 6.45 32.65 -3.83
C VAL D 49 6.65 33.13 -5.27
N ILE D 50 7.17 32.24 -6.11
CA ILE D 50 7.18 32.42 -7.55
C ILE D 50 5.97 31.64 -8.05
N ALA D 51 4.90 32.35 -8.41
CA ALA D 51 3.64 31.73 -8.79
C ALA D 51 3.60 31.61 -10.31
N VAL D 52 3.48 30.39 -10.80
CA VAL D 52 3.59 30.10 -12.23
C VAL D 52 2.26 29.59 -12.74
N ASP D 53 1.85 30.06 -13.91
CA ASP D 53 0.66 29.54 -14.55
C ASP D 53 0.74 29.78 -16.06
N ARG D 54 0.03 28.95 -16.82
CA ARG D 54 -0.03 29.18 -18.26
C ARG D 54 -0.93 30.36 -18.64
N ASP D 55 -1.74 30.85 -17.71
CA ASP D 55 -2.60 32.00 -17.94
C ASP D 55 -2.30 33.03 -16.86
N LEU D 56 -1.91 34.25 -17.28
CA LEU D 56 -1.47 35.25 -16.31
C LEU D 56 -2.62 35.79 -15.49
N ALA D 57 -3.76 36.09 -16.14
CA ALA D 57 -4.89 36.69 -15.46
C ALA D 57 -5.46 35.77 -14.38
N SER D 58 -5.37 34.46 -14.57
CA SER D 58 -5.88 33.51 -13.60
C SER D 58 -5.16 33.61 -12.27
N MET D 59 -4.01 34.28 -12.21
CA MET D 59 -3.29 34.48 -10.98
C MET D 59 -3.60 35.82 -10.30
N ASP D 60 -4.39 36.69 -10.95
CA ASP D 60 -4.69 37.99 -10.36
C ASP D 60 -5.28 37.83 -8.96
N ALA D 61 -6.23 36.90 -8.81
CA ALA D 61 -6.84 36.69 -7.49
C ALA D 61 -5.83 36.10 -6.51
N THR D 62 -4.95 35.22 -6.98
CA THR D 62 -3.91 34.69 -6.13
C THR D 62 -3.03 35.82 -5.60
N LEU D 63 -2.62 36.74 -6.47
CA LEU D 63 -1.77 37.85 -6.05
C LEU D 63 -2.47 38.73 -5.04
N GLU D 64 -3.76 39.00 -5.26
CA GLU D 64 -4.52 39.82 -4.31
C GLU D 64 -4.57 39.17 -2.93
N LEU D 65 -4.80 37.85 -2.87
CA LEU D 65 -4.89 37.18 -1.57
C LEU D 65 -3.55 37.20 -0.84
N VAL D 66 -2.45 36.97 -1.57
CA VAL D 66 -1.12 37.02 -0.96
C VAL D 66 -0.84 38.39 -0.39
N ARG D 67 -1.12 39.43 -1.17
CA ARG D 67 -0.75 40.77 -0.76
C ARG D 67 -1.66 41.26 0.37
N ALA D 68 -2.91 40.81 0.40
CA ALA D 68 -3.78 41.10 1.53
C ALA D 68 -3.26 40.48 2.81
N ALA D 69 -2.52 39.37 2.69
CA ALA D 69 -1.90 38.72 3.84
C ALA D 69 -0.50 39.25 4.14
N GLY D 70 -0.06 40.28 3.42
CA GLY D 70 1.25 40.86 3.69
C GLY D 70 2.41 40.05 3.13
N GLY D 71 2.14 39.12 2.22
CA GLY D 71 3.15 38.24 1.69
C GLY D 71 3.79 38.75 0.40
N SER D 72 4.78 37.98 -0.06
CA SER D 72 5.63 38.30 -1.20
C SER D 72 5.40 37.26 -2.29
N VAL D 73 5.02 37.70 -3.49
CA VAL D 73 4.73 36.80 -4.60
C VAL D 73 5.08 37.49 -5.92
N THR D 74 5.57 36.71 -6.87
CA THR D 74 5.88 37.21 -8.22
C THR D 74 5.17 36.31 -9.21
N PRO D 75 4.32 36.84 -10.08
CA PRO D 75 3.67 36.00 -11.09
C PRO D 75 4.58 35.80 -12.29
N CYS D 76 4.58 34.57 -12.81
CA CYS D 76 5.36 34.21 -13.99
CA CYS D 76 5.35 34.23 -14.00
C CYS D 76 4.46 33.45 -14.95
N LEU D 77 4.34 33.94 -16.17
CA LEU D 77 3.63 33.24 -17.23
C LEU D 77 4.57 32.19 -17.81
N CYS D 78 4.14 30.94 -17.81
CA CYS D 78 4.99 29.89 -18.37
C CYS D 78 4.13 28.69 -18.74
N ASP D 79 4.46 28.06 -19.86
CA ASP D 79 3.92 26.76 -20.23
C ASP D 79 4.96 25.73 -19.80
N VAL D 80 4.72 25.08 -18.66
CA VAL D 80 5.71 24.17 -18.09
C VAL D 80 5.71 22.80 -18.77
N THR D 81 4.93 22.63 -19.85
CA THR D 81 5.14 21.48 -20.72
C THR D 81 6.28 21.70 -21.72
N ASP D 82 6.80 22.92 -21.81
CA ASP D 82 7.83 23.28 -22.79
C ASP D 82 9.16 23.40 -22.06
N SER D 83 10.10 22.50 -22.40
CA SER D 83 11.35 22.44 -21.65
C SER D 83 12.18 23.71 -21.78
N ALA D 84 12.21 24.32 -22.97
CA ALA D 84 12.95 25.58 -23.12
C ALA D 84 12.37 26.65 -22.21
N SER D 85 11.04 26.70 -22.10
CA SER D 85 10.38 27.66 -21.22
C SER D 85 10.68 27.38 -19.75
N VAL D 86 10.67 26.09 -19.36
CA VAL D 86 11.01 25.74 -17.99
C VAL D 86 12.45 26.12 -17.67
N GLU D 87 13.38 25.83 -18.58
CA GLU D 87 14.78 26.16 -18.32
C GLU D 87 14.93 27.65 -18.08
N ARG D 88 14.27 28.48 -18.90
CA ARG D 88 14.35 29.92 -18.72
C ARG D 88 13.70 30.35 -17.41
N LEU D 89 12.53 29.79 -17.11
CA LEU D 89 11.85 30.09 -15.85
C LEU D 89 12.76 29.85 -14.65
N VAL D 90 13.44 28.71 -14.62
CA VAL D 90 14.32 28.41 -13.50
C VAL D 90 15.54 29.32 -13.49
N ALA D 91 16.16 29.54 -14.65
CA ALA D 91 17.32 30.41 -14.68
C ALA D 91 16.95 31.83 -14.23
N ASP D 92 15.80 32.32 -14.68
CA ASP D 92 15.38 33.66 -14.29
C ASP D 92 15.05 33.74 -12.81
N SER D 93 14.45 32.67 -12.26
CA SER D 93 14.15 32.64 -10.83
C SER D 93 15.43 32.69 -10.00
N VAL D 94 16.44 31.91 -10.40
CA VAL D 94 17.72 31.94 -9.70
C VAL D 94 18.38 33.31 -9.83
N ALA D 95 18.33 33.91 -11.02
CA ALA D 95 18.92 35.23 -11.19
C ALA D 95 18.25 36.27 -10.30
N ARG D 96 16.93 36.17 -10.15
CA ARG D 96 16.21 37.19 -9.39
CA ARG D 96 16.18 37.18 -9.39
C ARG D 96 16.14 36.89 -7.90
N CYS D 97 16.15 35.62 -7.50
CA CYS D 97 15.96 35.25 -6.10
C CYS D 97 17.17 34.57 -5.47
N GLY D 98 18.17 34.18 -6.24
CA GLY D 98 19.37 33.57 -5.68
C GLY D 98 19.25 32.08 -5.45
N ARG D 99 18.07 31.65 -4.99
CA ARG D 99 17.84 30.26 -4.64
C ARG D 99 16.44 29.88 -5.08
N VAL D 100 16.23 28.58 -5.28
CA VAL D 100 14.89 28.01 -5.30
C VAL D 100 14.90 26.94 -4.22
N ASP D 101 14.36 27.27 -3.05
CA ASP D 101 14.44 26.34 -1.93
C ASP D 101 13.38 25.26 -2.02
N ILE D 102 12.22 25.58 -2.58
CA ILE D 102 11.06 24.70 -2.59
C ILE D 102 10.46 24.73 -3.99
N LEU D 103 10.11 23.55 -4.49
CA LEU D 103 9.38 23.40 -5.74
C LEU D 103 8.09 22.65 -5.45
N VAL D 104 6.95 23.23 -5.83
CA VAL D 104 5.66 22.54 -5.71
C VAL D 104 5.18 22.25 -7.13
N ASN D 105 5.15 20.97 -7.50
CA ASN D 105 4.63 20.55 -8.80
C ASN D 105 3.13 20.35 -8.65
N ASN D 106 2.36 21.39 -8.99
CA ASN D 106 0.93 21.37 -8.80
C ASN D 106 0.11 21.39 -10.08
N VAL D 107 0.67 21.88 -11.21
CA VAL D 107 -0.12 21.91 -12.43
C VAL D 107 -0.55 20.50 -12.80
N GLY D 108 -1.77 20.39 -13.31
CA GLY D 108 -2.38 19.12 -13.64
C GLY D 108 -3.86 19.35 -13.87
N ALA D 109 -4.51 18.35 -14.47
CA ALA D 109 -5.96 18.40 -14.64
C ALA D 109 -6.40 17.06 -15.21
N PRO D 110 -7.57 16.57 -14.82
CA PRO D 110 -8.07 15.31 -15.38
C PRO D 110 -8.90 15.53 -16.64
N SER D 111 -9.03 14.45 -17.40
CA SER D 111 -9.91 14.39 -18.56
CA SER D 111 -9.92 14.39 -18.56
C SER D 111 -10.66 13.06 -18.50
N PRO D 112 -11.95 13.05 -18.79
CA PRO D 112 -12.73 11.82 -18.56
C PRO D 112 -12.48 10.75 -19.62
N GLY D 113 -12.56 9.50 -19.16
CA GLY D 113 -12.61 8.33 -20.03
C GLY D 113 -11.61 7.25 -19.69
N GLY D 114 -12.00 5.98 -19.88
CA GLY D 114 -11.10 4.86 -19.79
C GLY D 114 -10.41 4.62 -21.11
N PRO D 115 -9.75 3.47 -21.28
CA PRO D 115 -8.93 3.27 -22.49
C PRO D 115 -9.70 3.28 -23.78
N VAL D 116 -10.98 2.88 -23.76
CA VAL D 116 -11.76 2.90 -25.00
C VAL D 116 -12.18 4.33 -25.33
N ALA D 117 -12.76 5.04 -24.36
CA ALA D 117 -13.35 6.35 -24.60
C ALA D 117 -12.32 7.46 -24.74
N LEU D 118 -11.20 7.39 -24.01
CA LEU D 118 -10.22 8.48 -24.01
C LEU D 118 -9.47 8.49 -25.34
N ASP D 119 -9.58 9.59 -26.08
CA ASP D 119 -8.87 9.70 -27.35
C ASP D 119 -7.37 9.61 -27.10
N GLU D 120 -6.65 8.97 -28.03
CA GLU D 120 -5.20 8.80 -27.84
C GLU D 120 -4.47 10.15 -27.73
N ALA D 121 -4.91 11.17 -28.45
CA ALA D 121 -4.27 12.47 -28.30
C ALA D 121 -4.51 13.05 -26.92
N GLN D 122 -5.69 12.80 -26.35
CA GLN D 122 -5.96 13.28 -25.00
C GLN D 122 -5.17 12.50 -23.95
N TRP D 123 -5.00 11.19 -24.17
CA TRP D 123 -4.10 10.42 -23.32
C TRP D 123 -2.71 11.03 -23.31
N ALA D 124 -2.19 11.38 -24.49
CA ALA D 124 -0.87 11.99 -24.54
C ALA D 124 -0.85 13.32 -23.79
N MET D 125 -1.89 14.15 -23.97
CA MET D 125 -1.95 15.41 -23.26
CA MET D 125 -1.95 15.41 -23.26
C MET D 125 -2.05 15.21 -21.75
N GLN D 126 -2.74 14.14 -21.32
CA GLN D 126 -2.89 13.86 -19.89
C GLN D 126 -1.56 13.49 -19.27
N LEU D 127 -0.78 12.63 -19.95
CA LEU D 127 0.54 12.31 -19.43
C LEU D 127 1.44 13.54 -19.42
N GLU D 128 1.34 14.36 -20.47
CA GLU D 128 2.21 15.54 -20.56
C GLU D 128 1.88 16.53 -19.45
N LEU D 129 0.60 16.84 -19.26
CA LEU D 129 0.22 17.88 -18.32
C LEU D 129 0.44 17.43 -16.88
N ASN D 130 0.15 16.18 -16.58
CA ASN D 130 0.14 15.74 -15.19
C ASN D 130 1.46 15.12 -14.74
N LEU D 131 2.28 14.65 -15.66
CA LEU D 131 3.49 13.93 -15.31
C LEU D 131 4.74 14.56 -15.92
N THR D 132 4.74 14.83 -17.22
CA THR D 132 5.93 15.40 -17.85
C THR D 132 6.26 16.76 -17.29
N THR D 133 5.24 17.55 -16.93
CA THR D 133 5.49 18.85 -16.31
C THR D 133 6.36 18.70 -15.07
N ALA D 134 6.01 17.75 -14.19
CA ALA D 134 6.78 17.54 -12.97
C ALA D 134 8.18 17.04 -13.28
N PHE D 135 8.31 16.17 -14.27
CA PHE D 135 9.62 15.70 -14.71
C PHE D 135 10.50 16.87 -15.16
N LEU D 136 9.96 17.76 -16.00
CA LEU D 136 10.73 18.90 -16.50
C LEU D 136 11.08 19.88 -15.39
N MET D 137 10.15 20.18 -14.49
CA MET D 137 10.49 21.04 -13.36
C MET D 137 11.62 20.42 -12.53
N CYS D 138 11.56 19.12 -12.29
CA CYS D 138 12.65 18.48 -11.55
C CYS D 138 13.96 18.52 -12.32
N LYS D 139 13.91 18.28 -13.64
CA LYS D 139 15.11 18.30 -14.46
C LYS D 139 15.88 19.60 -14.30
N TYR D 140 15.18 20.74 -14.23
CA TYR D 140 15.87 22.01 -14.18
C TYR D 140 16.03 22.58 -12.77
N VAL D 141 15.21 22.15 -11.83
CA VAL D 141 15.37 22.64 -10.45
C VAL D 141 16.37 21.81 -9.65
N LEU D 142 16.43 20.49 -9.90
CA LEU D 142 17.35 19.67 -9.12
C LEU D 142 18.79 20.14 -9.15
N PRO D 143 19.37 20.55 -10.28
CA PRO D 143 20.75 21.05 -10.24
C PRO D 143 20.89 22.29 -9.36
N VAL D 144 19.88 23.15 -9.33
CA VAL D 144 19.92 24.33 -8.47
C VAL D 144 19.92 23.92 -6.99
N MET D 145 19.03 23.00 -6.64
CA MET D 145 18.95 22.54 -5.24
C MET D 145 20.23 21.82 -4.84
N GLU D 146 20.77 20.99 -5.73
CA GLU D 146 22.03 20.32 -5.41
C GLU D 146 23.14 21.33 -5.15
N GLN D 147 23.27 22.32 -6.04
CA GLN D 147 24.36 23.29 -5.92
C GLN D 147 24.25 24.13 -4.66
N GLN D 148 23.03 24.50 -4.29
CA GLN D 148 22.84 25.43 -3.18
C GLN D 148 22.82 24.73 -1.82
N GLY D 149 22.91 23.41 -1.78
CA GLY D 149 22.99 22.68 -0.53
C GLY D 149 21.73 21.97 -0.10
N GLY D 150 20.70 21.95 -0.94
CA GLY D 150 19.51 21.20 -0.61
C GLY D 150 18.24 21.89 -1.03
N GLY D 151 17.11 21.23 -0.79
CA GLY D 151 15.83 21.78 -1.16
C GLY D 151 14.74 20.77 -0.88
N ALA D 152 13.51 21.20 -1.11
CA ALA D 152 12.35 20.34 -0.90
C ALA D 152 11.42 20.43 -2.10
N ILE D 153 11.01 19.28 -2.59
CA ILE D 153 10.05 19.19 -3.68
C ILE D 153 8.78 18.55 -3.14
N VAL D 154 7.62 19.15 -3.47
CA VAL D 154 6.32 18.61 -3.11
C VAL D 154 5.53 18.41 -4.41
N ASN D 155 5.16 17.17 -4.70
CA ASN D 155 4.31 16.86 -5.84
C ASN D 155 2.86 16.83 -5.37
N ILE D 156 1.96 17.50 -6.08
CA ILE D 156 0.53 17.43 -5.78
C ILE D 156 -0.07 16.39 -6.73
N ALA D 157 -0.32 15.20 -6.21
CA ALA D 157 -0.83 14.08 -6.99
C ALA D 157 -2.36 14.01 -6.84
N SER D 158 -2.95 12.85 -6.58
CA SER D 158 -4.39 12.67 -6.50
C SER D 158 -4.67 11.26 -6.02
N THR D 159 -5.77 11.10 -5.29
CA THR D 159 -6.24 9.75 -4.96
C THR D 159 -6.52 8.94 -6.22
N SER D 160 -6.74 9.59 -7.36
CA SER D 160 -6.91 8.85 -8.60
CA SER D 160 -6.91 8.86 -8.61
C SER D 160 -5.67 8.05 -8.97
N GLY D 161 -4.52 8.38 -8.39
CA GLY D 161 -3.32 7.61 -8.58
C GLY D 161 -3.21 6.36 -7.74
N ILE D 162 -4.13 6.16 -6.78
CA ILE D 162 -4.07 5.01 -5.88
C ILE D 162 -5.37 4.20 -5.81
N ARG D 163 -6.48 4.74 -6.32
CA ARG D 163 -7.77 4.07 -6.25
C ARG D 163 -8.62 4.47 -7.46
N TRP D 164 -9.62 3.64 -7.77
CA TRP D 164 -10.78 4.11 -8.51
C TRP D 164 -11.67 4.85 -7.53
N THR D 165 -11.92 6.14 -7.78
CA THR D 165 -12.66 6.97 -6.84
C THR D 165 -14.04 7.36 -7.34
N GLY D 166 -14.45 6.84 -8.49
CA GLY D 166 -15.80 7.09 -8.98
C GLY D 166 -15.93 7.25 -10.47
N ALA D 167 -14.93 7.81 -11.11
CA ALA D 167 -15.03 8.16 -12.52
C ALA D 167 -13.84 7.60 -13.29
N ALA D 168 -14.10 7.25 -14.54
CA ALA D 168 -13.03 6.81 -15.44
C ALA D 168 -12.26 8.03 -15.94
N GLN D 169 -10.94 7.94 -15.86
CA GLN D 169 -10.06 9.02 -16.24
C GLN D 169 -8.66 8.43 -16.28
N VAL D 170 -8.43 7.54 -17.25
CA VAL D 170 -7.31 6.62 -17.14
C VAL D 170 -5.95 7.31 -17.33
N GLY D 171 -5.89 8.34 -18.17
CA GLY D 171 -4.65 9.11 -18.31
C GLY D 171 -4.28 9.83 -17.04
N TYR D 172 -5.28 10.37 -16.35
CA TYR D 172 -5.02 11.05 -15.08
C TYR D 172 -4.58 10.07 -14.01
N ALA D 173 -5.27 8.93 -13.90
CA ALA D 173 -4.92 7.91 -12.92
C ALA D 173 -3.49 7.42 -13.14
N ALA D 174 -3.17 7.07 -14.38
CA ALA D 174 -1.83 6.57 -14.68
C ALA D 174 -0.79 7.65 -14.44
N ALA D 175 -1.06 8.89 -14.88
CA ALA D 175 -0.08 9.96 -14.71
C ALA D 175 0.16 10.27 -13.24
N LYS D 176 -0.91 10.32 -12.44
CA LYS D 176 -0.73 10.66 -11.04
C LYS D 176 -0.03 9.53 -10.27
N ALA D 177 -0.28 8.26 -10.63
CA ALA D 177 0.52 7.19 -10.04
C ALA D 177 1.99 7.32 -10.43
N GLY D 178 2.23 7.65 -11.69
CA GLY D 178 3.59 7.90 -12.12
C GLY D 178 4.23 9.03 -11.35
N MET D 179 3.45 10.07 -11.05
CA MET D 179 3.99 11.22 -10.33
C MET D 179 4.40 10.84 -8.91
N ILE D 180 3.56 10.05 -8.24
CA ILE D 180 3.88 9.59 -6.88
C ILE D 180 5.17 8.78 -6.91
N GLN D 181 5.29 7.85 -7.85
CA GLN D 181 6.48 7.00 -7.86
C GLN D 181 7.70 7.78 -8.30
N MET D 182 7.55 8.71 -9.24
CA MET D 182 8.67 9.56 -9.61
C MET D 182 9.21 10.26 -8.38
N GLY D 183 8.30 10.77 -7.53
CA GLY D 183 8.73 11.40 -6.30
C GLY D 183 9.59 10.48 -5.45
N ARG D 184 9.15 9.22 -5.29
CA ARG D 184 9.88 8.29 -4.44
C ARG D 184 11.28 8.03 -4.97
N VAL D 185 11.41 7.79 -6.28
CA VAL D 185 12.71 7.43 -6.81
C VAL D 185 13.64 8.64 -6.89
N VAL D 186 13.10 9.83 -7.14
CA VAL D 186 13.92 11.03 -7.08
C VAL D 186 14.36 11.29 -5.65
N ALA D 187 13.46 11.05 -4.69
CA ALA D 187 13.84 11.21 -3.28
C ALA D 187 15.03 10.33 -2.93
N VAL D 188 15.01 9.07 -3.34
CA VAL D 188 16.13 8.20 -2.97
C VAL D 188 17.41 8.65 -3.69
N GLU D 189 17.28 9.02 -4.97
CA GLU D 189 18.47 9.39 -5.74
C GLU D 189 19.15 10.65 -5.21
N TYR D 190 18.36 11.61 -4.73
CA TYR D 190 18.87 12.92 -4.36
C TYR D 190 18.95 13.15 -2.85
N ALA D 191 18.60 12.16 -2.04
CA ALA D 191 18.66 12.33 -0.59
C ALA D 191 20.05 12.72 -0.12
N ALA D 192 21.10 12.12 -0.71
CA ALA D 192 22.45 12.44 -0.27
C ALA D 192 22.82 13.89 -0.52
N LYS D 193 22.14 14.55 -1.45
CA LYS D 193 22.33 15.96 -1.74
C LYS D 193 21.40 16.85 -0.93
N ASN D 194 20.75 16.30 0.10
CA ASN D 194 19.87 17.05 0.97
C ASN D 194 18.65 17.61 0.24
N VAL D 195 18.16 16.89 -0.78
CA VAL D 195 16.93 17.24 -1.46
C VAL D 195 15.88 16.24 -1.03
N ARG D 196 14.78 16.73 -0.47
CA ARG D 196 13.68 15.87 -0.09
C ARG D 196 12.59 15.95 -1.14
N VAL D 197 11.87 14.84 -1.36
CA VAL D 197 10.77 14.82 -2.33
C VAL D 197 9.63 14.01 -1.74
N ASN D 198 8.44 14.60 -1.70
CA ASN D 198 7.25 13.95 -1.16
C ASN D 198 6.04 14.38 -1.98
N SER D 199 4.95 13.64 -1.85
CA SER D 199 3.71 13.96 -2.55
C SER D 199 2.58 14.21 -1.57
N VAL D 200 1.75 15.17 -1.88
CA VAL D 200 0.42 15.25 -1.30
C VAL D 200 -0.53 14.53 -2.23
N VAL D 201 -1.42 13.73 -1.65
CA VAL D 201 -2.37 12.93 -2.41
C VAL D 201 -3.78 13.39 -2.05
N PRO D 202 -4.27 14.47 -2.68
CA PRO D 202 -5.61 14.98 -2.33
C PRO D 202 -6.69 14.08 -2.91
N GLY D 203 -7.78 13.95 -2.14
CA GLY D 203 -8.96 13.23 -2.61
C GLY D 203 -9.92 14.15 -3.32
N LEU D 204 -11.22 14.01 -3.01
CA LEU D 204 -12.27 14.81 -3.62
C LEU D 204 -12.37 16.13 -2.88
N LEU D 205 -12.12 17.23 -3.58
CA LEU D 205 -12.06 18.56 -2.99
C LEU D 205 -12.98 19.52 -3.71
N HIS D 206 -13.34 20.59 -3.02
CA HIS D 206 -13.95 21.74 -3.67
C HIS D 206 -12.83 22.65 -4.15
N THR D 207 -12.47 22.55 -5.42
CA THR D 207 -11.58 23.53 -6.03
C THR D 207 -12.33 24.14 -7.21
N PRO D 208 -11.94 25.33 -7.66
CA PRO D 208 -12.65 25.92 -8.81
C PRO D 208 -12.69 25.03 -10.04
N MET D 209 -11.59 24.37 -10.39
CA MET D 209 -11.63 23.55 -11.59
C MET D 209 -12.58 22.37 -11.44
N VAL D 210 -12.58 21.72 -10.27
CA VAL D 210 -13.47 20.57 -10.06
C VAL D 210 -14.92 21.02 -9.99
N ASP D 211 -15.19 22.07 -9.22
CA ASP D 211 -16.57 22.48 -9.04
C ASP D 211 -17.17 23.10 -10.30
N THR D 212 -16.34 23.76 -11.12
CA THR D 212 -16.86 24.36 -12.35
C THR D 212 -17.28 23.27 -13.33
N LYS D 213 -16.45 22.23 -13.46
CA LYS D 213 -16.79 21.14 -14.37
C LYS D 213 -18.10 20.48 -13.93
N ILE D 214 -18.27 20.24 -12.63
CA ILE D 214 -19.50 19.62 -12.15
C ILE D 214 -20.70 20.50 -12.46
N ALA D 215 -20.60 21.80 -12.19
CA ALA D 215 -21.72 22.70 -12.43
C ALA D 215 -22.06 22.80 -13.90
N HIS D 216 -21.05 22.76 -14.78
CA HIS D 216 -21.31 22.90 -16.21
C HIS D 216 -22.11 21.74 -16.76
N ASN D 217 -22.12 20.58 -16.09
CA ASN D 217 -22.92 19.44 -16.53
C ASN D 217 -24.11 19.21 -15.61
N GLY D 221 -26.05 14.48 -16.58
CA GLY D 221 -26.74 13.69 -15.58
C GLY D 221 -27.31 14.49 -14.43
N ASP D 222 -27.56 13.81 -13.32
CA ASP D 222 -28.19 14.42 -12.14
C ASP D 222 -27.06 15.00 -11.27
N VAL D 223 -26.96 16.33 -11.23
CA VAL D 223 -25.90 16.97 -10.45
C VAL D 223 -26.11 16.71 -8.96
N GLU D 224 -27.35 16.86 -8.48
CA GLU D 224 -27.64 16.57 -7.07
C GLU D 224 -27.18 15.18 -6.69
N LEU D 225 -27.46 14.19 -7.54
CA LEU D 225 -27.08 12.82 -7.24
C LEU D 225 -25.57 12.65 -7.26
N LEU D 226 -24.89 13.26 -8.23
CA LEU D 226 -23.43 13.22 -8.29
C LEU D 226 -22.81 13.82 -7.04
N LEU D 227 -23.29 15.01 -6.64
CA LEU D 227 -22.76 15.64 -5.44
C LEU D 227 -22.96 14.76 -4.21
N ARG D 228 -24.12 14.12 -4.09
CA ARG D 228 -24.38 13.24 -2.96
C ARG D 228 -23.49 11.99 -2.99
N LYS D 229 -23.35 11.37 -4.17
CA LYS D 229 -22.49 10.18 -4.28
C LYS D 229 -21.06 10.51 -3.94
N ARG D 230 -20.57 11.68 -4.40
CA ARG D 230 -19.21 12.05 -4.06
C ARG D 230 -19.05 12.26 -2.57
N GLN D 231 -20.00 12.96 -1.95
CA GLN D 231 -19.91 13.21 -0.52
C GLN D 231 -19.97 11.90 0.28
N ALA D 232 -20.77 10.94 -0.19
CA ALA D 232 -20.92 9.67 0.51
C ALA D 232 -19.65 8.84 0.55
N ARG D 233 -18.67 9.14 -0.31
CA ARG D 233 -17.40 8.44 -0.31
C ARG D 233 -16.47 8.94 0.79
N ILE D 234 -16.80 10.04 1.43
CA ILE D 234 -15.93 10.71 2.39
C ILE D 234 -16.46 10.42 3.78
N PRO D 235 -15.74 9.71 4.63
CA PRO D 235 -16.22 9.48 6.00
C PRO D 235 -16.38 10.73 6.82
N MET D 236 -15.48 11.71 6.67
CA MET D 236 -15.59 12.96 7.43
CA MET D 236 -15.61 12.93 7.46
C MET D 236 -16.85 13.71 7.01
N PRO D 237 -17.37 14.59 7.87
CA PRO D 237 -18.67 15.24 7.60
C PRO D 237 -18.61 16.42 6.64
N PHE D 238 -17.50 16.65 5.98
CA PHE D 238 -17.40 17.75 5.02
C PHE D 238 -16.45 17.34 3.92
N MET D 239 -16.37 18.18 2.89
CA MET D 239 -15.40 18.02 1.81
C MET D 239 -14.42 19.19 1.89
N GLY D 240 -13.12 18.87 1.84
CA GLY D 240 -12.08 19.86 1.95
C GLY D 240 -11.91 20.66 0.67
N ASP D 241 -10.86 21.48 0.67
CA ASP D 241 -10.56 22.32 -0.48
CA ASP D 241 -10.56 22.35 -0.47
C ASP D 241 -9.05 22.54 -0.54
N GLY D 242 -8.62 23.49 -1.38
CA GLY D 242 -7.19 23.72 -1.55
C GLY D 242 -6.45 24.03 -0.26
N ARG D 243 -7.14 24.60 0.75
CA ARG D 243 -6.45 24.89 2.01
C ARG D 243 -5.93 23.63 2.66
N ASP D 244 -6.62 22.51 2.47
CA ASP D 244 -6.18 21.25 3.06
C ASP D 244 -4.94 20.74 2.35
N THR D 245 -4.95 20.77 1.02
CA THR D 245 -3.75 20.44 0.25
C THR D 245 -2.59 21.33 0.67
N ALA D 246 -2.86 22.62 0.81
CA ALA D 246 -1.80 23.57 1.12
C ALA D 246 -1.19 23.31 2.48
N ASN D 247 -2.00 22.97 3.48
CA ASN D 247 -1.45 22.73 4.81
C ASN D 247 -0.57 21.49 4.83
N ALA D 248 -0.94 20.45 4.08
CA ALA D 248 -0.07 19.28 4.00
C ALA D 248 1.21 19.60 3.24
N ALA D 249 1.09 20.36 2.15
CA ALA D 249 2.28 20.75 1.38
C ALA D 249 3.20 21.60 2.23
N LEU D 250 2.64 22.47 3.07
CA LEU D 250 3.44 23.32 3.95
C LEU D 250 4.28 22.47 4.90
N PHE D 251 3.67 21.47 5.56
CA PHE D 251 4.45 20.58 6.40
C PHE D 251 5.59 19.95 5.62
N LEU D 252 5.28 19.38 4.45
CA LEU D 252 6.30 18.64 3.70
C LEU D 252 7.40 19.55 3.16
N ALA D 253 7.08 20.82 2.87
CA ALA D 253 8.06 21.77 2.36
C ALA D 253 8.94 22.37 3.44
N SER D 254 8.55 22.23 4.71
CA SER D 254 9.19 22.90 5.82
C SER D 254 10.31 22.06 6.43
N ASP D 255 11.17 22.76 7.19
CA ASP D 255 12.26 22.09 7.90
C ASP D 255 11.75 21.19 9.02
N GLU D 256 10.49 21.33 9.44
CA GLU D 256 9.94 20.38 10.41
C GLU D 256 9.80 18.99 9.82
N ALA D 257 9.85 18.86 8.50
CA ALA D 257 9.85 17.58 7.82
C ALA D 257 11.24 17.18 7.32
N ARG D 258 12.30 17.63 8.01
CA ARG D 258 13.67 17.39 7.56
C ARG D 258 14.02 15.92 7.38
N PHE D 259 13.32 15.01 8.05
CA PHE D 259 13.59 13.57 7.95
C PHE D 259 12.48 12.84 7.20
N VAL D 260 11.63 13.57 6.49
CA VAL D 260 10.51 12.99 5.74
C VAL D 260 10.84 13.10 4.26
N THR D 261 11.02 11.95 3.61
CA THR D 261 11.27 11.99 2.18
C THR D 261 10.85 10.67 1.56
N GLY D 262 10.51 10.72 0.27
CA GLY D 262 10.10 9.52 -0.43
C GLY D 262 8.74 9.00 -0.07
N THR D 263 7.84 9.84 0.45
CA THR D 263 6.56 9.34 0.95
C THR D 263 5.45 10.32 0.60
N GLU D 264 4.25 10.02 1.10
CA GLU D 264 3.04 10.76 0.75
C GLU D 264 2.24 11.12 2.00
N ILE D 265 1.44 12.19 1.86
CA ILE D 265 0.37 12.49 2.79
C ILE D 265 -0.93 12.49 2.01
N VAL D 266 -1.82 11.57 2.35
CA VAL D 266 -3.14 11.48 1.73
C VAL D 266 -4.08 12.44 2.45
N VAL D 267 -4.76 13.30 1.68
CA VAL D 267 -5.62 14.35 2.23
C VAL D 267 -7.00 14.15 1.61
N ASP D 268 -7.80 13.24 2.23
CA ASP D 268 -9.00 12.75 1.55
C ASP D 268 -10.19 12.49 2.47
N GLY D 269 -10.17 12.95 3.72
CA GLY D 269 -11.29 12.75 4.60
C GLY D 269 -11.54 11.31 4.97
N GLY D 270 -10.59 10.42 4.74
CA GLY D 270 -10.73 9.01 5.04
C GLY D 270 -11.18 8.14 3.88
N MET D 271 -11.36 8.73 2.69
CA MET D 271 -11.98 8.00 1.57
C MET D 271 -11.21 6.74 1.16
N SER D 272 -9.89 6.84 1.03
CA SER D 272 -9.17 5.69 0.49
CA SER D 272 -9.09 5.72 0.52
C SER D 272 -8.99 4.56 1.51
N ALA D 273 -9.31 4.80 2.79
CA ALA D 273 -9.25 3.76 3.80
C ALA D 273 -10.45 2.82 3.78
N ARG D 274 -11.48 3.13 3.01
CA ARG D 274 -12.71 2.36 2.99
C ARG D 274 -13.03 1.85 1.60
N CYS D 275 -13.73 0.72 1.56
CA CYS D 275 -14.26 0.16 0.32
C CYS D 275 -15.64 -0.42 0.54
N ASP D 276 -16.35 0.09 1.53
CA ASP D 276 -17.73 -0.32 1.74
C ASP D 276 -18.66 0.37 0.76
#